data_6FXG
#
_entry.id   6FXG
#
_cell.length_a   41.870
_cell.length_b   74.270
_cell.length_c   110.240
_cell.angle_alpha   90.00
_cell.angle_beta   90.55
_cell.angle_gamma   90.00
#
_symmetry.space_group_name_H-M   'P 1 21 1'
#
loop_
_entity.id
_entity.type
_entity.pdbx_description
1 polymer 'Amino acid ABC transporter membrane protein PAAT family'
2 non-polymer ASPARAGINE
3 water water
#
_entity_poly.entity_id   1
_entity_poly.type   'polypeptide(L)'
_entity_poly.pdbx_seq_one_letter_code
;GMETTVKIASDSSYAPFEFQNGQKKWVGIDVDIMQEVAKINDWKLEMSYPGFDAALQNLKAGQVDGIIAGMTITDERKET
FDFSNPYYTSALTIATTKDSKLSDYSDLKGKAVGAKNGTAAQTWLQENQKKYGYTIKTYSDGVHMFAALSSGNIAGAMDE
VPVISYAMKQGQDLAMNFPSISLPGGYGFAVMKGKNSTLVDGFNKALAEMKSNGDYDKILKKYGITA
;
_entity_poly.pdbx_strand_id   A,B,C
#
# COMPACT_ATOMS: atom_id res chain seq x y z
N GLU A 3 -20.75 -37.12 -29.77
CA GLU A 3 -21.01 -36.51 -31.06
C GLU A 3 -21.62 -35.13 -30.86
N THR A 4 -22.23 -34.93 -29.69
CA THR A 4 -22.80 -33.65 -29.36
C THR A 4 -21.73 -32.69 -28.82
N THR A 5 -22.01 -31.42 -28.97
CA THR A 5 -21.10 -30.38 -28.51
C THR A 5 -21.19 -30.13 -27.00
N VAL A 6 -20.03 -29.94 -26.38
CA VAL A 6 -19.93 -29.64 -24.95
C VAL A 6 -19.87 -28.12 -24.82
N LYS A 7 -20.90 -27.55 -24.24
CA LYS A 7 -21.00 -26.10 -24.15
C LYS A 7 -20.63 -25.65 -22.76
N ILE A 8 -19.54 -24.89 -22.67
CA ILE A 8 -18.99 -24.42 -21.41
C ILE A 8 -19.00 -22.90 -21.40
N ALA A 9 -19.58 -22.33 -20.35
CA ALA A 9 -19.66 -20.89 -20.16
C ALA A 9 -18.62 -20.43 -19.16
N SER A 10 -18.17 -19.21 -19.33
CA SER A 10 -17.15 -18.63 -18.46
C SER A 10 -17.46 -17.16 -18.22
N ASP A 11 -16.64 -16.54 -17.36
CA ASP A 11 -16.68 -15.11 -17.12
C ASP A 11 -16.17 -14.37 -18.35
N SER A 12 -16.44 -13.06 -18.39
CA SER A 12 -16.07 -12.22 -19.53
C SER A 12 -14.76 -11.46 -19.34
N SER A 13 -14.31 -11.27 -18.10
CA SER A 13 -13.03 -10.57 -17.87
C SER A 13 -12.54 -11.03 -16.51
N TYR A 14 -11.60 -11.99 -16.50
CA TYR A 14 -11.15 -12.58 -15.24
C TYR A 14 -9.72 -13.08 -15.43
N ALA A 15 -8.86 -12.20 -15.93
CA ALA A 15 -7.46 -12.52 -16.11
C ALA A 15 -6.82 -12.89 -14.78
N PRO A 16 -5.95 -13.92 -14.74
CA PRO A 16 -5.37 -14.70 -15.83
C PRO A 16 -6.19 -15.94 -16.22
N PHE A 17 -7.42 -16.06 -15.75
CA PHE A 17 -8.17 -17.29 -15.99
C PHE A 17 -8.92 -17.28 -17.31
N GLU A 18 -9.63 -16.19 -17.63
CA GLU A 18 -10.19 -15.99 -18.96
C GLU A 18 -10.21 -14.49 -19.23
N PHE A 19 -9.74 -14.10 -20.40
CA PHE A 19 -9.68 -12.71 -20.82
C PHE A 19 -9.35 -12.65 -22.29
N GLN A 20 -9.56 -11.48 -22.87
CA GLN A 20 -9.21 -11.25 -24.27
C GLN A 20 -7.84 -10.60 -24.36
N ASN A 21 -7.01 -11.11 -25.26
CA ASN A 21 -5.67 -10.56 -25.45
C ASN A 21 -5.75 -9.34 -26.39
N GLY A 22 -4.59 -8.85 -26.83
CA GLY A 22 -4.55 -7.62 -27.60
C GLY A 22 -5.21 -7.72 -28.94
N GLN A 23 -5.33 -8.93 -29.48
CA GLN A 23 -6.00 -9.22 -30.72
C GLN A 23 -7.44 -9.70 -30.52
N LYS A 24 -7.96 -9.60 -29.30
CA LYS A 24 -9.33 -9.95 -28.92
C LYS A 24 -9.56 -11.45 -28.83
N LYS A 25 -8.50 -12.26 -28.87
CA LYS A 25 -8.64 -13.69 -28.71
C LYS A 25 -8.82 -14.04 -27.24
N TRP A 26 -9.72 -14.98 -26.99
CA TRP A 26 -9.95 -15.48 -25.65
C TRP A 26 -8.81 -16.42 -25.27
N VAL A 27 -8.17 -16.11 -24.15
CA VAL A 27 -7.03 -16.84 -23.62
C VAL A 27 -7.19 -16.93 -22.10
N GLY A 28 -6.28 -17.65 -21.46
CA GLY A 28 -6.20 -17.75 -20.02
C GLY A 28 -6.06 -19.18 -19.55
N ILE A 29 -5.81 -19.29 -18.24
CA ILE A 29 -5.60 -20.59 -17.60
C ILE A 29 -6.84 -21.48 -17.78
N ASP A 30 -8.03 -20.93 -17.49
CA ASP A 30 -9.26 -21.72 -17.62
C ASP A 30 -9.50 -22.11 -19.07
N VAL A 31 -9.27 -21.18 -19.98
CA VAL A 31 -9.46 -21.45 -21.40
C VAL A 31 -8.56 -22.61 -21.83
N ASP A 32 -7.27 -22.56 -21.43
CA ASP A 32 -6.29 -23.57 -21.84
C ASP A 32 -6.57 -24.91 -21.18
N ILE A 33 -6.95 -24.89 -19.91
CA ILE A 33 -7.27 -26.13 -19.23
C ILE A 33 -8.48 -26.80 -19.89
N MET A 34 -9.53 -26.03 -20.12
CA MET A 34 -10.73 -26.64 -20.70
C MET A 34 -10.45 -27.18 -22.10
N GLN A 35 -9.66 -26.43 -22.89
CA GLN A 35 -9.33 -26.90 -24.23
C GLN A 35 -8.57 -28.23 -24.17
N GLU A 36 -7.62 -28.35 -23.24
CA GLU A 36 -6.84 -29.60 -23.17
C GLU A 36 -7.67 -30.76 -22.59
N VAL A 37 -8.57 -30.45 -21.64
CA VAL A 37 -9.54 -31.46 -21.17
C VAL A 37 -10.35 -31.99 -22.35
N ALA A 38 -10.87 -31.08 -23.19
CA ALA A 38 -11.63 -31.50 -24.35
C ALA A 38 -10.77 -32.34 -25.31
N LYS A 39 -9.51 -31.94 -25.50
CA LYS A 39 -8.65 -32.69 -26.40
C LYS A 39 -8.43 -34.11 -25.88
N ILE A 40 -8.13 -34.24 -24.59
CA ILE A 40 -7.89 -35.55 -23.99
C ILE A 40 -9.12 -36.45 -24.11
N ASN A 41 -10.32 -35.87 -23.99
CA ASN A 41 -11.58 -36.60 -24.01
C ASN A 41 -12.20 -36.69 -25.40
N ASP A 42 -11.56 -36.11 -26.41
CA ASP A 42 -12.09 -36.05 -27.78
C ASP A 42 -13.49 -35.42 -27.81
N TRP A 43 -13.68 -34.36 -27.04
CA TRP A 43 -14.93 -33.62 -27.04
C TRP A 43 -14.91 -32.50 -28.08
N LYS A 44 -16.09 -32.20 -28.62
CA LYS A 44 -16.33 -30.97 -29.38
C LYS A 44 -16.67 -29.85 -28.41
N LEU A 45 -15.76 -28.90 -28.24
CA LEU A 45 -15.92 -27.87 -27.22
C LEU A 45 -16.46 -26.57 -27.81
N GLU A 46 -17.44 -25.98 -27.13
CA GLU A 46 -18.01 -24.67 -27.52
C GLU A 46 -17.94 -23.75 -26.30
N MET A 47 -16.96 -22.84 -26.30
CA MET A 47 -16.82 -21.87 -25.22
C MET A 47 -17.70 -20.66 -25.41
N SER A 48 -18.19 -20.13 -24.30
CA SER A 48 -18.85 -18.84 -24.31
C SER A 48 -18.42 -18.05 -23.08
N TYR A 49 -18.50 -16.72 -23.19
CA TYR A 49 -17.93 -15.83 -22.16
C TYR A 49 -18.95 -14.77 -21.74
N PRO A 50 -20.11 -15.19 -21.23
CA PRO A 50 -21.18 -14.21 -20.96
C PRO A 50 -20.98 -13.36 -19.71
N GLY A 51 -20.04 -13.70 -18.84
CA GLY A 51 -19.90 -13.07 -17.53
C GLY A 51 -20.36 -14.05 -16.45
N PHE A 52 -19.82 -13.92 -15.25
CA PHE A 52 -19.99 -15.01 -14.30
C PHE A 52 -21.46 -15.25 -13.95
N ASP A 53 -22.18 -14.24 -13.44
CA ASP A 53 -23.55 -14.48 -13.01
C ASP A 53 -24.40 -14.94 -14.19
N ALA A 54 -24.14 -14.40 -15.39
CA ALA A 54 -24.87 -14.85 -16.58
C ALA A 54 -24.59 -16.31 -16.90
N ALA A 55 -23.33 -16.72 -16.73
CA ALA A 55 -22.98 -18.11 -16.91
C ALA A 55 -23.78 -19.00 -15.97
N LEU A 56 -23.89 -18.60 -14.70
CA LEU A 56 -24.70 -19.38 -13.76
C LEU A 56 -26.14 -19.51 -14.23
N GLN A 57 -26.72 -18.41 -14.71
CA GLN A 57 -28.10 -18.49 -15.16
C GLN A 57 -28.22 -19.42 -16.37
N ASN A 58 -27.25 -19.34 -17.29
CA ASN A 58 -27.29 -20.19 -18.47
C ASN A 58 -27.14 -21.66 -18.08
N LEU A 59 -26.31 -21.94 -17.06
CA LEU A 59 -26.14 -23.32 -16.61
C LEU A 59 -27.40 -23.83 -15.94
N LYS A 60 -27.99 -23.00 -15.09
CA LYS A 60 -29.22 -23.42 -14.42
C LYS A 60 -30.31 -23.71 -15.43
N ALA A 61 -30.30 -23.00 -16.56
CA ALA A 61 -31.29 -23.19 -17.62
C ALA A 61 -30.99 -24.38 -18.51
N GLY A 62 -29.83 -25.03 -18.34
CA GLY A 62 -29.49 -26.11 -19.26
C GLY A 62 -29.04 -25.60 -20.60
N GLN A 63 -28.83 -24.28 -20.73
CA GLN A 63 -28.45 -23.69 -21.99
C GLN A 63 -26.98 -23.96 -22.31
N VAL A 64 -26.18 -24.08 -21.28
CA VAL A 64 -24.83 -24.65 -21.37
C VAL A 64 -24.76 -25.84 -20.42
N ASP A 65 -23.71 -26.63 -20.60
CA ASP A 65 -23.55 -27.87 -19.86
C ASP A 65 -22.62 -27.75 -18.64
N GLY A 66 -21.76 -26.75 -18.62
CA GLY A 66 -20.83 -26.62 -17.52
C GLY A 66 -20.26 -25.23 -17.52
N ILE A 67 -19.54 -24.93 -16.45
CA ILE A 67 -18.87 -23.64 -16.25
C ILE A 67 -17.44 -23.92 -15.86
N ILE A 68 -16.52 -23.16 -16.43
CA ILE A 68 -15.20 -22.97 -15.84
C ILE A 68 -14.96 -21.45 -15.81
N ALA A 69 -14.75 -20.91 -14.61
CA ALA A 69 -14.72 -19.44 -14.45
C ALA A 69 -14.12 -19.04 -13.13
N GLY A 70 -12.96 -19.61 -12.80
CA GLY A 70 -12.37 -19.34 -11.51
C GLY A 70 -13.36 -19.54 -10.38
N MET A 71 -14.13 -20.61 -10.42
CA MET A 71 -15.31 -20.73 -9.57
C MET A 71 -14.99 -21.54 -8.33
N THR A 72 -15.06 -20.89 -7.16
CA THR A 72 -14.71 -21.56 -5.92
C THR A 72 -15.73 -22.64 -5.55
N ILE A 73 -15.19 -23.81 -5.22
CA ILE A 73 -15.98 -24.91 -4.66
C ILE A 73 -16.29 -24.58 -3.20
N THR A 74 -17.58 -24.56 -2.86
CA THR A 74 -17.99 -24.35 -1.47
C THR A 74 -19.10 -25.33 -1.13
N ASP A 75 -19.28 -25.55 0.18
CA ASP A 75 -20.30 -26.50 0.63
C ASP A 75 -21.69 -26.03 0.25
N GLU A 76 -21.95 -24.73 0.36
CA GLU A 76 -23.27 -24.22 -0.03
C GLU A 76 -23.50 -24.42 -1.53
N ARG A 77 -22.47 -24.20 -2.34
CA ARG A 77 -22.61 -24.39 -3.78
C ARG A 77 -22.85 -25.84 -4.16
N LYS A 78 -22.30 -26.78 -3.40
CA LYS A 78 -22.50 -28.20 -3.66
C LYS A 78 -23.95 -28.63 -3.46
N GLU A 79 -24.79 -27.78 -2.86
CA GLU A 79 -26.22 -28.06 -2.77
C GLU A 79 -26.90 -27.85 -4.12
N THR A 80 -26.28 -27.09 -5.02
CA THR A 80 -26.83 -26.77 -6.34
C THR A 80 -25.99 -27.30 -7.51
N PHE A 81 -24.68 -27.39 -7.36
CA PHE A 81 -23.80 -27.81 -8.43
C PHE A 81 -22.99 -29.04 -8.01
N ASP A 82 -22.60 -29.84 -8.98
CA ASP A 82 -21.55 -30.82 -8.78
C ASP A 82 -20.26 -30.23 -9.36
N PHE A 83 -19.14 -30.49 -8.68
CA PHE A 83 -17.86 -29.95 -9.08
C PHE A 83 -16.85 -31.05 -9.38
N SER A 84 -15.89 -30.68 -10.24
CA SER A 84 -14.69 -31.46 -10.39
C SER A 84 -13.82 -31.38 -9.14
N ASN A 85 -12.76 -32.16 -9.15
CA ASN A 85 -11.64 -31.89 -8.26
C ASN A 85 -11.11 -30.48 -8.50
N PRO A 86 -10.51 -29.86 -7.50
CA PRO A 86 -10.01 -28.50 -7.68
C PRO A 86 -8.77 -28.46 -8.56
N TYR A 87 -8.66 -27.36 -9.32
CA TYR A 87 -7.53 -27.14 -10.22
C TYR A 87 -6.74 -25.89 -9.92
N TYR A 88 -7.08 -25.15 -8.85
CA TYR A 88 -6.33 -23.95 -8.49
C TYR A 88 -6.75 -23.58 -7.07
N THR A 89 -5.90 -22.84 -6.36
CA THR A 89 -6.26 -22.41 -5.03
C THR A 89 -7.13 -21.16 -5.09
N SER A 90 -7.96 -20.97 -4.06
CA SER A 90 -8.91 -19.87 -4.00
C SER A 90 -8.63 -19.03 -2.75
N ALA A 91 -8.57 -17.70 -2.92
CA ALA A 91 -8.38 -16.79 -1.80
C ALA A 91 -8.92 -15.43 -2.19
N LEU A 92 -9.63 -14.81 -1.25
CA LEU A 92 -10.28 -13.53 -1.48
C LEU A 92 -9.54 -12.44 -0.71
N THR A 93 -9.60 -11.22 -1.23
CA THR A 93 -9.17 -10.07 -0.46
C THR A 93 -9.90 -8.85 -1.02
N ILE A 94 -9.77 -7.74 -0.30
CA ILE A 94 -10.39 -6.47 -0.68
C ILE A 94 -9.36 -5.66 -1.44
N ALA A 95 -9.64 -5.41 -2.71
CA ALA A 95 -8.87 -4.47 -3.51
C ALA A 95 -9.36 -3.06 -3.24
N THR A 96 -8.41 -2.13 -3.18
CA THR A 96 -8.68 -0.70 -3.13
C THR A 96 -7.86 -0.03 -4.22
N THR A 97 -8.12 1.25 -4.46
CA THR A 97 -7.17 2.06 -5.20
C THR A 97 -5.86 2.15 -4.42
N LYS A 98 -4.79 2.56 -5.11
CA LYS A 98 -3.49 2.68 -4.45
C LYS A 98 -3.48 3.80 -3.42
N ASP A 99 -4.32 4.82 -3.59
CA ASP A 99 -4.28 5.94 -2.67
C ASP A 99 -5.16 5.70 -1.45
N SER A 100 -5.96 4.64 -1.42
CA SER A 100 -6.73 4.35 -0.23
C SER A 100 -5.79 4.06 0.94
N LYS A 101 -6.17 4.50 2.13
CA LYS A 101 -5.43 4.13 3.34
C LYS A 101 -6.18 3.10 4.16
N LEU A 102 -7.29 2.57 3.65
CA LEU A 102 -7.99 1.52 4.36
C LEU A 102 -7.15 0.25 4.28
N SER A 103 -7.08 -0.47 5.41
CA SER A 103 -6.23 -1.65 5.47
C SER A 103 -6.76 -2.79 6.36
N ASP A 104 -7.80 -2.54 7.16
CA ASP A 104 -8.36 -3.56 8.05
C ASP A 104 -9.87 -3.58 7.90
N TYR A 105 -10.46 -4.76 8.10
CA TYR A 105 -11.89 -4.89 7.85
C TYR A 105 -12.70 -3.93 8.70
N SER A 106 -12.18 -3.56 9.88
CA SER A 106 -12.86 -2.61 10.76
C SER A 106 -12.96 -1.22 10.15
N ASP A 107 -12.03 -0.86 9.25
CA ASP A 107 -12.11 0.42 8.54
C ASP A 107 -13.29 0.49 7.59
N LEU A 108 -13.97 -0.62 7.34
CA LEU A 108 -15.03 -0.62 6.34
C LEU A 108 -16.39 -0.28 6.94
N LYS A 109 -16.45 -0.07 8.26
CA LYS A 109 -17.73 0.25 8.88
C LYS A 109 -18.32 1.50 8.25
N GLY A 110 -19.58 1.41 7.84
CA GLY A 110 -20.25 2.54 7.22
C GLY A 110 -19.85 2.83 5.79
N LYS A 111 -18.96 2.03 5.20
CA LYS A 111 -18.52 2.20 3.82
C LYS A 111 -19.16 1.14 2.94
N ALA A 112 -19.17 1.42 1.63
CA ALA A 112 -19.72 0.51 0.64
C ALA A 112 -18.61 -0.37 0.08
N VAL A 113 -18.87 -1.66 0.03
CA VAL A 113 -17.92 -2.66 -0.48
C VAL A 113 -18.60 -3.42 -1.61
N GLY A 114 -17.87 -3.62 -2.71
CA GLY A 114 -18.43 -4.27 -3.89
C GLY A 114 -18.04 -5.73 -4.05
N ALA A 115 -18.91 -6.47 -4.74
CA ALA A 115 -18.63 -7.83 -5.17
C ALA A 115 -19.44 -8.10 -6.42
N LYS A 116 -19.02 -9.11 -7.17
CA LYS A 116 -19.80 -9.50 -8.33
C LYS A 116 -20.99 -10.38 -7.95
N ASN A 117 -22.11 -10.17 -8.63
N ASN A 117 -22.11 -10.17 -8.63
CA ASN A 117 -23.30 -10.95 -8.32
CA ASN A 117 -23.31 -10.96 -8.41
C ASN A 117 -23.02 -12.42 -8.52
C ASN A 117 -22.99 -12.44 -8.53
N GLY A 118 -23.54 -13.24 -7.61
CA GLY A 118 -23.41 -14.69 -7.68
C GLY A 118 -22.15 -15.28 -7.11
N THR A 119 -21.22 -14.48 -6.60
CA THR A 119 -19.87 -14.93 -6.29
C THR A 119 -19.68 -15.32 -4.83
N ALA A 120 -18.60 -16.08 -4.61
CA ALA A 120 -18.16 -16.39 -3.26
C ALA A 120 -17.81 -15.12 -2.50
N ALA A 121 -17.29 -14.12 -3.20
CA ALA A 121 -17.02 -12.80 -2.60
C ALA A 121 -18.30 -12.17 -2.06
N GLN A 122 -19.36 -12.17 -2.86
CA GLN A 122 -20.65 -11.68 -2.39
C GLN A 122 -21.10 -12.45 -1.16
N THR A 123 -20.96 -13.78 -1.17
CA THR A 123 -21.38 -14.57 -0.02
C THR A 123 -20.58 -14.18 1.22
N TRP A 124 -19.27 -14.01 1.08
CA TRP A 124 -18.46 -13.60 2.23
C TRP A 124 -18.94 -12.25 2.75
N LEU A 125 -19.18 -11.29 1.86
CA LEU A 125 -19.66 -9.99 2.33
C LEU A 125 -20.97 -10.12 3.08
N GLN A 126 -21.90 -10.94 2.58
CA GLN A 126 -23.16 -11.11 3.29
C GLN A 126 -22.93 -11.73 4.67
N GLU A 127 -22.07 -12.74 4.75
CA GLU A 127 -21.90 -13.47 6.00
C GLU A 127 -21.25 -12.62 7.08
N ASN A 128 -20.42 -11.67 6.67
CA ASN A 128 -19.60 -10.91 7.59
C ASN A 128 -20.07 -9.47 7.74
N GLN A 129 -21.22 -9.13 7.17
CA GLN A 129 -21.70 -7.76 7.27
C GLN A 129 -22.01 -7.37 8.72
N LYS A 130 -22.67 -8.25 9.48
CA LYS A 130 -22.96 -7.86 10.85
C LYS A 130 -21.68 -7.68 11.66
N LYS A 131 -20.63 -8.43 11.34
CA LYS A 131 -19.40 -8.32 12.11
C LYS A 131 -18.69 -6.99 11.87
N TYR A 132 -18.69 -6.50 10.63
CA TYR A 132 -17.87 -5.34 10.26
C TYR A 132 -18.65 -4.10 9.90
N GLY A 133 -19.91 -4.21 9.50
CA GLY A 133 -20.78 -3.06 9.39
C GLY A 133 -20.69 -2.20 8.15
N TYR A 134 -20.14 -2.74 7.06
CA TYR A 134 -20.20 -2.12 5.74
C TYR A 134 -21.58 -2.33 5.11
N THR A 135 -21.81 -1.66 3.98
CA THR A 135 -22.91 -1.98 3.08
C THR A 135 -22.34 -2.64 1.83
N ILE A 136 -23.21 -3.31 1.09
CA ILE A 136 -22.80 -4.15 -0.03
C ILE A 136 -23.41 -3.61 -1.31
N LYS A 137 -22.58 -3.47 -2.34
CA LYS A 137 -23.00 -3.22 -3.71
C LYS A 137 -22.57 -4.38 -4.60
N THR A 138 -23.45 -4.80 -5.52
CA THR A 138 -23.14 -5.93 -6.39
C THR A 138 -23.14 -5.50 -7.85
N TYR A 139 -22.32 -6.21 -8.64
CA TYR A 139 -22.03 -5.87 -10.03
C TYR A 139 -22.16 -7.09 -10.92
N SER A 140 -22.59 -6.85 -12.16
CA SER A 140 -22.73 -7.93 -13.13
C SER A 140 -21.40 -8.57 -13.48
N ASP A 141 -20.32 -7.78 -13.57
CA ASP A 141 -19.01 -8.28 -13.99
C ASP A 141 -17.87 -7.43 -13.41
N GLY A 142 -16.63 -7.89 -13.64
CA GLY A 142 -15.48 -7.20 -13.10
C GLY A 142 -15.30 -5.81 -13.66
N VAL A 143 -15.62 -5.61 -14.93
CA VAL A 143 -15.47 -4.27 -15.51
C VAL A 143 -16.32 -3.28 -14.73
N HIS A 144 -17.55 -3.66 -14.39
CA HIS A 144 -18.42 -2.75 -13.64
C HIS A 144 -17.94 -2.59 -12.19
N MET A 145 -17.53 -3.68 -11.55
CA MET A 145 -17.08 -3.54 -10.16
C MET A 145 -15.84 -2.67 -10.06
N PHE A 146 -14.85 -2.90 -10.91
CA PHE A 146 -13.62 -2.13 -10.79
C PHE A 146 -13.79 -0.70 -11.27
N ALA A 147 -14.78 -0.44 -12.15
CA ALA A 147 -15.11 0.92 -12.50
C ALA A 147 -15.72 1.65 -11.32
N ALA A 148 -16.49 0.95 -10.50
CA ALA A 148 -17.02 1.56 -9.30
C ALA A 148 -15.92 1.87 -8.30
N LEU A 149 -14.93 0.98 -8.21
CA LEU A 149 -13.80 1.22 -7.32
C LEU A 149 -12.96 2.41 -7.78
N SER A 150 -12.57 2.43 -9.05
CA SER A 150 -11.74 3.52 -9.54
C SER A 150 -12.45 4.87 -9.44
N SER A 151 -13.76 4.87 -9.64
N SER A 151 -13.75 4.89 -9.65
CA SER A 151 -14.54 6.11 -9.58
CA SER A 151 -14.47 6.16 -9.59
C SER A 151 -14.76 6.60 -8.17
C SER A 151 -14.82 6.58 -8.17
N GLY A 152 -14.54 5.74 -7.17
CA GLY A 152 -14.75 6.10 -5.79
C GLY A 152 -16.14 5.84 -5.25
N ASN A 153 -16.97 5.11 -5.96
CA ASN A 153 -18.33 4.85 -5.50
C ASN A 153 -18.41 3.64 -4.57
N ILE A 154 -17.35 2.85 -4.49
CA ILE A 154 -17.20 1.84 -3.44
C ILE A 154 -15.82 2.04 -2.86
N ALA A 155 -15.68 1.69 -1.59
CA ALA A 155 -14.43 1.82 -0.84
C ALA A 155 -13.53 0.61 -1.00
N GLY A 156 -14.06 -0.50 -1.47
CA GLY A 156 -13.29 -1.70 -1.70
C GLY A 156 -14.07 -2.64 -2.59
N ALA A 157 -13.34 -3.58 -3.21
CA ALA A 157 -13.97 -4.57 -4.08
C ALA A 157 -13.37 -5.91 -3.70
N MET A 158 -14.21 -6.85 -3.33
CA MET A 158 -13.73 -8.16 -2.94
C MET A 158 -13.65 -9.08 -4.15
N ASP A 159 -12.50 -9.71 -4.31
CA ASP A 159 -12.29 -10.63 -5.43
C ASP A 159 -11.09 -11.50 -5.13
N GLU A 160 -10.79 -12.42 -6.07
CA GLU A 160 -9.69 -13.35 -5.89
C GLU A 160 -8.33 -12.67 -5.96
N VAL A 161 -7.47 -13.07 -5.03
CA VAL A 161 -6.10 -12.58 -5.00
C VAL A 161 -5.39 -12.71 -6.34
N PRO A 162 -5.38 -13.86 -7.01
CA PRO A 162 -4.63 -13.95 -8.27
C PRO A 162 -5.14 -13.00 -9.34
N VAL A 163 -6.43 -12.71 -9.34
CA VAL A 163 -6.98 -11.80 -10.33
C VAL A 163 -6.56 -10.35 -10.03
N ILE A 164 -6.68 -9.94 -8.77
CA ILE A 164 -6.23 -8.60 -8.40
C ILE A 164 -4.74 -8.45 -8.63
N SER A 165 -3.97 -9.45 -8.23
CA SER A 165 -2.54 -9.36 -8.39
C SER A 165 -2.14 -9.22 -9.85
N TYR A 166 -2.74 -10.03 -10.72
CA TYR A 166 -2.41 -9.97 -12.13
C TYR A 166 -2.72 -8.59 -12.69
N ALA A 167 -3.85 -8.00 -12.26
CA ALA A 167 -4.23 -6.66 -12.72
C ALA A 167 -3.23 -5.62 -12.25
N MET A 168 -2.76 -5.76 -11.02
CA MET A 168 -1.73 -4.87 -10.51
C MET A 168 -0.46 -4.99 -11.34
N LYS A 169 -0.10 -6.20 -11.75
CA LYS A 169 1.10 -6.38 -12.56
C LYS A 169 0.97 -5.72 -13.92
N GLN A 170 -0.25 -5.51 -14.40
CA GLN A 170 -0.47 -4.77 -15.63
C GLN A 170 -0.49 -3.27 -15.42
N GLY A 171 -0.34 -2.81 -14.18
CA GLY A 171 -0.28 -1.39 -13.90
C GLY A 171 -1.58 -0.75 -13.47
N GLN A 172 -2.61 -1.55 -13.21
CA GLN A 172 -3.89 -1.00 -12.79
C GLN A 172 -3.77 -0.40 -11.40
N ASP A 173 -4.64 0.60 -11.14
CA ASP A 173 -4.64 1.38 -9.90
C ASP A 173 -5.36 0.59 -8.82
N LEU A 174 -4.69 -0.48 -8.40
CA LEU A 174 -5.18 -1.41 -7.39
C LEU A 174 -4.08 -1.69 -6.38
N ALA A 175 -4.51 -1.93 -5.14
CA ALA A 175 -3.64 -2.37 -4.04
C ALA A 175 -4.37 -3.44 -3.26
N MET A 176 -3.57 -4.22 -2.53
CA MET A 176 -4.04 -5.27 -1.61
C MET A 176 -3.48 -5.00 -0.22
N ASN A 177 -4.17 -4.14 0.53
CA ASN A 177 -3.80 -3.74 1.89
C ASN A 177 -4.41 -4.62 2.97
N PHE A 178 -5.40 -5.46 2.62
CA PHE A 178 -6.18 -6.24 3.57
C PHE A 178 -5.68 -7.67 3.67
N PRO A 179 -6.07 -8.38 4.72
CA PRO A 179 -5.71 -9.80 4.82
C PRO A 179 -6.41 -10.62 3.74
N SER A 180 -5.85 -11.79 3.50
N SER A 180 -5.86 -11.81 3.51
CA SER A 180 -6.44 -12.74 2.58
CA SER A 180 -6.44 -12.74 2.55
C SER A 180 -7.33 -13.72 3.32
C SER A 180 -7.30 -13.77 3.29
N ILE A 181 -8.37 -14.19 2.62
CA ILE A 181 -9.32 -15.16 3.14
C ILE A 181 -9.18 -16.41 2.29
N SER A 182 -8.63 -17.46 2.88
CA SER A 182 -8.47 -18.70 2.13
C SER A 182 -9.81 -19.42 2.05
N LEU A 183 -10.18 -19.85 0.85
CA LEU A 183 -11.35 -20.70 0.64
C LEU A 183 -10.87 -22.10 0.25
N PRO A 184 -10.93 -23.09 1.16
CA PRO A 184 -10.15 -24.32 0.96
C PRO A 184 -10.65 -25.18 -0.16
N GLY A 185 -11.84 -24.89 -0.70
CA GLY A 185 -12.35 -25.76 -1.74
C GLY A 185 -11.59 -25.71 -3.05
N GLY A 186 -10.97 -24.56 -3.36
CA GLY A 186 -10.28 -24.33 -4.60
C GLY A 186 -11.25 -24.08 -5.74
N TYR A 187 -10.70 -23.84 -6.94
CA TYR A 187 -11.56 -23.63 -8.11
C TYR A 187 -11.94 -24.98 -8.71
N GLY A 188 -13.19 -25.10 -9.17
CA GLY A 188 -13.66 -26.29 -9.82
C GLY A 188 -14.45 -26.01 -11.07
N PHE A 189 -14.46 -27.00 -11.96
CA PHE A 189 -15.40 -27.09 -13.07
C PHE A 189 -16.75 -27.51 -12.52
N ALA A 190 -17.81 -26.84 -12.96
CA ALA A 190 -19.12 -26.99 -12.34
C ALA A 190 -20.15 -27.44 -13.36
N VAL A 191 -21.02 -28.35 -12.92
CA VAL A 191 -22.24 -28.73 -13.64
C VAL A 191 -23.40 -28.66 -12.66
N MET A 192 -24.61 -28.73 -13.21
CA MET A 192 -25.76 -28.82 -12.35
C MET A 192 -25.74 -30.14 -11.60
N LYS A 193 -26.12 -30.10 -10.32
CA LYS A 193 -26.06 -31.28 -9.48
C LYS A 193 -26.91 -32.40 -10.07
N GLY A 194 -26.34 -33.60 -10.11
CA GLY A 194 -27.03 -34.75 -10.64
C GLY A 194 -27.03 -34.86 -12.14
N LYS A 195 -26.36 -33.95 -12.85
CA LYS A 195 -26.32 -33.89 -14.30
C LYS A 195 -24.89 -33.95 -14.79
N ASN A 196 -24.72 -34.41 -16.02
CA ASN A 196 -23.44 -34.29 -16.73
C ASN A 196 -22.25 -34.87 -15.95
N SER A 197 -22.47 -36.00 -15.27
CA SER A 197 -21.38 -36.67 -14.57
C SER A 197 -20.27 -37.07 -15.54
N THR A 198 -20.63 -37.33 -16.81
CA THR A 198 -19.62 -37.68 -17.80
C THR A 198 -18.63 -36.54 -18.01
N LEU A 199 -19.10 -35.29 -17.87
CA LEU A 199 -18.20 -34.16 -18.04
C LEU A 199 -17.32 -34.00 -16.82
N VAL A 200 -17.88 -34.15 -15.62
CA VAL A 200 -17.08 -34.04 -14.40
C VAL A 200 -16.01 -35.12 -14.40
N ASP A 201 -16.40 -36.36 -14.73
CA ASP A 201 -15.44 -37.46 -14.73
C ASP A 201 -14.34 -37.21 -15.77
N GLY A 202 -14.71 -36.70 -16.94
CA GLY A 202 -13.71 -36.45 -17.98
C GLY A 202 -12.77 -35.33 -17.59
N PHE A 203 -13.31 -34.29 -16.96
CA PHE A 203 -12.48 -33.22 -16.45
C PHE A 203 -11.49 -33.77 -15.41
N ASN A 204 -11.97 -34.58 -14.47
CA ASN A 204 -11.09 -35.07 -13.41
C ASN A 204 -9.99 -35.94 -13.98
N LYS A 205 -10.33 -36.85 -14.90
CA LYS A 205 -9.31 -37.75 -15.45
C LYS A 205 -8.31 -36.98 -16.30
N ALA A 206 -8.77 -36.00 -17.07
CA ALA A 206 -7.85 -35.21 -17.89
C ALA A 206 -6.97 -34.31 -17.03
N LEU A 207 -7.56 -33.68 -16.01
CA LEU A 207 -6.79 -32.82 -15.12
C LEU A 207 -5.68 -33.62 -14.45
N ALA A 208 -5.98 -34.83 -13.98
CA ALA A 208 -4.95 -35.62 -13.34
C ALA A 208 -3.83 -35.97 -14.32
N GLU A 209 -4.20 -36.31 -15.56
CA GLU A 209 -3.21 -36.60 -16.59
C GLU A 209 -2.34 -35.37 -16.85
N MET A 210 -2.96 -34.20 -16.98
CA MET A 210 -2.22 -32.97 -17.26
C MET A 210 -1.32 -32.56 -16.09
N LYS A 211 -1.77 -32.81 -14.86
CA LYS A 211 -0.91 -32.51 -13.72
C LYS A 211 0.27 -33.47 -13.70
N SER A 212 0.02 -34.74 -13.99
N SER A 212 0.01 -34.73 -14.00
CA SER A 212 1.08 -35.74 -13.95
CA SER A 212 1.06 -35.75 -13.96
C SER A 212 2.11 -35.50 -15.04
C SER A 212 2.10 -35.52 -15.04
N ASN A 213 1.67 -35.12 -16.24
CA ASN A 213 2.57 -35.04 -17.39
C ASN A 213 3.23 -33.68 -17.58
N GLY A 214 2.97 -32.70 -16.71
CA GLY A 214 3.61 -31.40 -16.79
C GLY A 214 2.85 -30.36 -17.60
N ASP A 215 1.81 -30.75 -18.30
CA ASP A 215 1.11 -29.82 -19.16
C ASP A 215 0.35 -28.76 -18.37
N TYR A 216 -0.19 -29.13 -17.21
CA TYR A 216 -0.86 -28.16 -16.34
C TYR A 216 0.11 -27.05 -15.97
N ASP A 217 1.31 -27.42 -15.54
CA ASP A 217 2.30 -26.41 -15.17
C ASP A 217 2.69 -25.56 -16.37
N LYS A 218 2.75 -26.17 -17.57
CA LYS A 218 3.09 -25.36 -18.73
C LYS A 218 2.00 -24.35 -19.04
N ILE A 219 0.74 -24.70 -18.80
CA ILE A 219 -0.33 -23.73 -18.96
C ILE A 219 -0.11 -22.55 -18.01
N LEU A 220 0.15 -22.84 -16.74
CA LEU A 220 0.30 -21.72 -15.79
C LEU A 220 1.47 -20.84 -16.21
N LYS A 221 2.54 -21.45 -16.74
CA LYS A 221 3.74 -20.72 -17.14
C LYS A 221 3.45 -19.67 -18.20
N LYS A 222 2.49 -19.95 -19.09
CA LYS A 222 2.13 -18.99 -20.13
C LYS A 222 1.74 -17.64 -19.55
N TYR A 223 1.16 -17.64 -18.34
CA TYR A 223 0.65 -16.42 -17.70
C TYR A 223 1.55 -16.00 -16.54
N GLY A 224 2.79 -16.51 -16.51
CA GLY A 224 3.82 -16.07 -15.60
C GLY A 224 3.85 -16.75 -14.24
N ILE A 225 3.11 -17.85 -14.07
CA ILE A 225 2.79 -18.40 -12.76
C ILE A 225 3.38 -19.79 -12.57
N THR A 226 3.99 -20.00 -11.42
CA THR A 226 4.30 -21.33 -10.88
C THR A 226 3.40 -21.52 -9.68
N ALA A 227 2.56 -22.57 -9.71
CA ALA A 227 1.61 -22.82 -8.63
C ALA A 227 2.33 -23.01 -7.31
N MET B 2 16.62 8.59 22.78
CA MET B 2 17.13 7.37 22.14
C MET B 2 17.85 6.48 23.14
N GLU B 3 17.07 5.96 24.09
CA GLU B 3 17.62 5.14 25.16
C GLU B 3 17.82 3.69 24.73
N THR B 4 16.87 3.12 23.99
CA THR B 4 16.96 1.71 23.62
C THR B 4 17.87 1.53 22.41
N THR B 5 18.89 0.67 22.54
CA THR B 5 19.70 0.29 21.40
C THR B 5 19.10 -0.95 20.77
N VAL B 6 18.94 -0.91 19.45
CA VAL B 6 18.33 -2.00 18.69
C VAL B 6 19.34 -2.43 17.64
N LYS B 7 19.78 -3.69 17.73
CA LYS B 7 20.78 -4.24 16.81
C LYS B 7 20.05 -5.10 15.79
N ILE B 8 20.14 -4.72 14.52
CA ILE B 8 19.42 -5.39 13.43
C ILE B 8 20.44 -5.89 12.42
N ALA B 9 20.36 -7.18 12.10
CA ALA B 9 21.24 -7.79 11.12
C ALA B 9 20.51 -7.96 9.80
N SER B 10 21.26 -7.90 8.72
CA SER B 10 20.70 -7.95 7.38
C SER B 10 21.62 -8.78 6.49
N ASP B 11 21.20 -8.97 5.25
CA ASP B 11 22.01 -9.61 4.24
C ASP B 11 23.13 -8.66 3.83
N SER B 12 24.14 -9.21 3.16
CA SER B 12 25.33 -8.42 2.82
C SER B 12 25.27 -7.84 1.40
N SER B 13 24.50 -8.46 0.51
CA SER B 13 24.29 -7.99 -0.86
C SER B 13 22.91 -8.48 -1.29
N TYR B 14 21.94 -7.57 -1.33
CA TYR B 14 20.57 -7.94 -1.64
C TYR B 14 19.82 -6.72 -2.17
N ALA B 15 20.41 -6.06 -3.16
CA ALA B 15 19.78 -4.92 -3.81
C ALA B 15 18.45 -5.36 -4.42
N PRO B 16 17.39 -4.53 -4.34
CA PRO B 16 17.31 -3.15 -3.86
C PRO B 16 16.99 -3.00 -2.37
N PHE B 17 17.08 -4.07 -1.58
CA PHE B 17 16.68 -4.01 -0.18
C PHE B 17 17.81 -3.58 0.74
N GLU B 18 19.01 -4.15 0.56
CA GLU B 18 20.21 -3.67 1.26
C GLU B 18 21.39 -3.88 0.34
N PHE B 19 22.16 -2.82 0.16
CA PHE B 19 23.31 -2.86 -0.74
C PHE B 19 24.12 -1.60 -0.50
N GLN B 20 25.32 -1.59 -1.08
CA GLN B 20 26.24 -0.46 -1.00
C GLN B 20 26.09 0.38 -2.27
N ASN B 21 25.93 1.70 -2.10
CA ASN B 21 25.83 2.59 -3.24
C ASN B 21 27.23 2.94 -3.74
N GLY B 22 27.34 3.92 -4.65
CA GLY B 22 28.62 4.21 -5.28
C GLY B 22 29.69 4.66 -4.31
N GLN B 23 29.31 5.21 -3.15
CA GLN B 23 30.26 5.62 -2.14
C GLN B 23 30.55 4.48 -1.15
N LYS B 24 29.98 3.30 -1.39
CA LYS B 24 30.13 2.13 -0.53
C LYS B 24 29.29 2.24 0.74
N LYS B 25 28.39 3.23 0.83
CA LYS B 25 27.41 3.39 1.91
C LYS B 25 26.23 2.45 1.77
N TRP B 26 25.72 1.97 2.90
CA TRP B 26 24.57 1.05 2.93
C TRP B 26 23.26 1.81 2.69
N VAL B 27 22.51 1.36 1.70
CA VAL B 27 21.25 1.96 1.31
C VAL B 27 20.29 0.84 0.94
N GLY B 28 19.06 1.22 0.63
CA GLY B 28 18.08 0.28 0.10
C GLY B 28 16.75 0.39 0.83
N ILE B 29 15.77 -0.35 0.30
CA ILE B 29 14.43 -0.33 0.87
C ILE B 29 14.44 -0.78 2.33
N ASP B 30 15.10 -1.91 2.63
CA ASP B 30 15.13 -2.40 4.02
C ASP B 30 15.85 -1.41 4.91
N VAL B 31 16.97 -0.87 4.43
CA VAL B 31 17.77 0.04 5.23
C VAL B 31 16.97 1.28 5.57
N ASP B 32 16.31 1.88 4.56
CA ASP B 32 15.58 3.11 4.77
C ASP B 32 14.34 2.88 5.61
N ILE B 33 13.64 1.77 5.40
CA ILE B 33 12.48 1.47 6.24
C ILE B 33 12.93 1.31 7.69
N MET B 34 13.97 0.50 7.93
CA MET B 34 14.40 0.26 9.29
C MET B 34 14.86 1.56 9.96
N GLN B 35 15.58 2.42 9.23
CA GLN B 35 16.02 3.67 9.84
C GLN B 35 14.85 4.56 10.21
N GLU B 36 13.81 4.59 9.37
N GLU B 36 13.81 4.59 9.37
CA GLU B 36 12.67 5.44 9.69
CA GLU B 36 12.67 5.44 9.70
C GLU B 36 11.85 4.83 10.82
C GLU B 36 11.86 4.84 10.82
N VAL B 37 11.73 3.51 10.85
CA VAL B 37 11.08 2.82 11.98
C VAL B 37 11.81 3.19 13.28
N ALA B 38 13.14 3.14 13.25
CA ALA B 38 13.92 3.49 14.43
C ALA B 38 13.69 4.94 14.83
N LYS B 39 13.62 5.83 13.84
CA LYS B 39 13.41 7.24 14.13
C LYS B 39 12.04 7.49 14.78
N ILE B 40 10.99 6.88 14.22
CA ILE B 40 9.64 7.03 14.74
C ILE B 40 9.56 6.51 16.17
N ASN B 41 10.29 5.44 16.49
CA ASN B 41 10.25 4.83 17.81
C ASN B 41 11.33 5.36 18.76
N ASP B 42 12.16 6.30 18.32
CA ASP B 42 13.27 6.82 19.15
C ASP B 42 14.23 5.72 19.57
N TRP B 43 14.48 4.79 18.67
CA TRP B 43 15.46 3.72 18.89
C TRP B 43 16.82 4.18 18.38
N LYS B 44 17.86 3.80 19.09
CA LYS B 44 19.22 3.93 18.58
C LYS B 44 19.53 2.66 17.81
N LEU B 45 19.56 2.77 16.49
CA LEU B 45 19.66 1.64 15.59
C LEU B 45 21.12 1.34 15.27
N GLU B 46 21.49 0.05 15.34
CA GLU B 46 22.81 -0.45 14.98
C GLU B 46 22.61 -1.54 13.93
N MET B 47 22.82 -1.21 12.65
CA MET B 47 22.71 -2.19 11.57
C MET B 47 24.01 -2.98 11.43
N SER B 48 23.87 -4.25 11.04
CA SER B 48 25.00 -5.06 10.63
C SER B 48 24.57 -5.83 9.39
N TYR B 49 25.54 -6.21 8.55
CA TYR B 49 25.24 -6.80 7.25
C TYR B 49 26.07 -8.06 7.01
N PRO B 50 25.91 -9.08 7.86
CA PRO B 50 26.81 -10.25 7.76
C PRO B 50 26.49 -11.23 6.65
N GLY B 51 25.34 -11.14 6.00
CA GLY B 51 24.84 -12.16 5.10
C GLY B 51 23.65 -12.87 5.72
N PHE B 52 22.74 -13.36 4.88
CA PHE B 52 21.44 -13.79 5.40
C PHE B 52 21.58 -14.93 6.41
N ASP B 53 22.17 -16.05 6.01
CA ASP B 53 22.25 -17.17 6.93
C ASP B 53 23.04 -16.79 8.18
N ALA B 54 24.10 -15.98 8.02
CA ALA B 54 24.87 -15.54 9.18
C ALA B 54 24.03 -14.66 10.10
N ALA B 55 23.15 -13.84 9.52
CA ALA B 55 22.23 -13.03 10.33
C ALA B 55 21.30 -13.91 11.16
N LEU B 56 20.77 -14.97 10.53
CA LEU B 56 19.95 -15.93 11.28
C LEU B 56 20.74 -16.50 12.45
N GLN B 57 21.99 -16.87 12.22
CA GLN B 57 22.82 -17.45 13.28
C GLN B 57 23.04 -16.44 14.39
N ASN B 58 23.30 -15.18 14.03
CA ASN B 58 23.53 -14.14 15.03
C ASN B 58 22.26 -13.84 15.80
N LEU B 59 21.12 -13.88 15.13
CA LEU B 59 19.85 -13.64 15.81
C LEU B 59 19.57 -14.77 16.80
N LYS B 60 19.73 -16.02 16.36
CA LYS B 60 19.47 -17.15 17.24
C LYS B 60 20.42 -17.18 18.43
N ALA B 61 21.64 -16.67 18.25
CA ALA B 61 22.62 -16.60 19.32
C ALA B 61 22.43 -15.40 20.25
N GLY B 62 21.45 -14.53 19.95
CA GLY B 62 21.22 -13.34 20.74
C GLY B 62 22.20 -12.21 20.53
N GLN B 63 23.02 -12.29 19.49
N GLN B 63 23.04 -12.29 19.51
CA GLN B 63 24.02 -11.27 19.21
CA GLN B 63 24.02 -11.23 19.25
C GLN B 63 23.40 -10.03 18.56
C GLN B 63 23.36 -10.01 18.63
N VAL B 64 22.21 -10.18 17.97
CA VAL B 64 21.41 -9.07 17.47
C VAL B 64 19.98 -9.31 17.93
N ASP B 65 19.13 -8.29 17.78
CA ASP B 65 17.77 -8.32 18.29
C ASP B 65 16.73 -8.63 17.21
N GLY B 66 17.06 -8.38 15.96
CA GLY B 66 16.10 -8.58 14.89
C GLY B 66 16.81 -8.64 13.57
N ILE B 67 16.05 -8.99 12.54
CA ILE B 67 16.51 -9.09 11.16
C ILE B 67 15.55 -8.34 10.26
N ILE B 68 16.11 -7.59 9.32
CA ILE B 68 15.39 -7.14 8.13
C ILE B 68 16.31 -7.45 6.95
N ALA B 69 15.85 -8.32 6.05
CA ALA B 69 16.68 -8.83 4.99
C ALA B 69 15.83 -9.48 3.91
N GLY B 70 14.80 -8.77 3.48
CA GLY B 70 13.89 -9.31 2.47
C GLY B 70 13.38 -10.69 2.84
N MET B 71 13.00 -10.88 4.08
CA MET B 71 12.79 -12.22 4.64
C MET B 71 11.33 -12.62 4.56
N THR B 72 11.04 -13.64 3.76
CA THR B 72 9.68 -14.06 3.55
C THR B 72 9.07 -14.65 4.82
N ILE B 73 7.87 -14.20 5.13
CA ILE B 73 7.05 -14.81 6.16
C ILE B 73 6.46 -16.11 5.62
N THR B 74 6.66 -17.21 6.35
CA THR B 74 6.06 -18.49 5.98
C THR B 74 5.52 -19.16 7.24
N ASP B 75 4.61 -20.12 7.05
CA ASP B 75 4.06 -20.82 8.20
C ASP B 75 5.17 -21.57 8.95
N GLU B 76 6.07 -22.21 8.22
CA GLU B 76 7.17 -22.92 8.88
C GLU B 76 8.04 -21.96 9.68
N ARG B 77 8.32 -20.78 9.11
CA ARG B 77 9.14 -19.79 9.83
C ARG B 77 8.43 -19.23 11.05
N LYS B 78 7.09 -19.11 11.00
CA LYS B 78 6.39 -18.60 12.18
C LYS B 78 6.50 -19.52 13.37
N GLU B 79 6.94 -20.75 13.20
CA GLU B 79 7.21 -21.64 14.32
C GLU B 79 8.51 -21.27 15.02
N THR B 80 9.38 -20.52 14.36
CA THR B 80 10.68 -20.17 14.90
C THR B 80 10.86 -18.69 15.16
N PHE B 81 10.23 -17.84 14.37
CA PHE B 81 10.35 -16.39 14.47
C PHE B 81 8.99 -15.78 14.72
N ASP B 82 9.01 -14.59 15.33
CA ASP B 82 7.85 -13.71 15.33
C ASP B 82 8.11 -12.61 14.31
N PHE B 83 7.08 -12.27 13.53
CA PHE B 83 7.21 -11.33 12.43
C PHE B 83 6.31 -10.12 12.59
N SER B 84 6.76 -9.02 12.02
CA SER B 84 5.90 -7.87 11.80
C SER B 84 4.83 -8.20 10.77
N ASN B 85 3.88 -7.27 10.60
CA ASN B 85 3.08 -7.24 9.40
C ASN B 85 3.99 -7.17 8.18
N PRO B 86 3.57 -7.70 7.04
CA PRO B 86 4.43 -7.67 5.86
C PRO B 86 4.62 -6.25 5.36
N TYR B 87 5.83 -5.95 4.91
CA TYR B 87 6.14 -4.63 4.39
C TYR B 87 6.46 -4.64 2.89
N TYR B 88 6.40 -5.80 2.23
CA TYR B 88 6.50 -5.93 0.78
C TYR B 88 6.07 -7.34 0.41
N THR B 89 5.80 -7.57 -0.87
CA THR B 89 5.41 -8.88 -1.35
C THR B 89 6.66 -9.72 -1.61
N SER B 90 6.44 -11.04 -1.70
CA SER B 90 7.51 -12.01 -1.90
C SER B 90 7.18 -12.87 -3.11
N ALA B 91 8.16 -13.01 -4.02
CA ALA B 91 8.00 -13.89 -5.17
C ALA B 91 9.36 -14.41 -5.61
N LEU B 92 9.43 -15.70 -5.90
CA LEU B 92 10.67 -16.37 -6.29
C LEU B 92 10.64 -16.72 -7.78
N THR B 93 11.83 -16.72 -8.37
CA THR B 93 12.00 -17.27 -9.70
C THR B 93 13.43 -17.74 -9.86
N ILE B 94 13.69 -18.37 -10.99
CA ILE B 94 15.02 -18.89 -11.30
C ILE B 94 15.75 -17.88 -12.17
N ALA B 95 16.86 -17.36 -11.67
CA ALA B 95 17.80 -16.62 -12.50
C ALA B 95 18.68 -17.58 -13.30
N THR B 96 18.91 -17.24 -14.57
CA THR B 96 19.89 -17.90 -15.42
C THR B 96 20.83 -16.84 -15.96
N THR B 97 21.91 -17.30 -16.61
CA THR B 97 22.70 -16.36 -17.38
C THR B 97 21.83 -15.78 -18.49
N LYS B 98 22.27 -14.66 -19.04
CA LYS B 98 21.42 -13.93 -19.98
C LYS B 98 21.15 -14.72 -21.25
N ASP B 99 22.11 -15.56 -21.67
CA ASP B 99 22.02 -16.32 -22.91
C ASP B 99 21.40 -17.70 -22.75
N SER B 100 21.11 -18.12 -21.52
CA SER B 100 20.55 -19.45 -21.30
C SER B 100 19.22 -19.60 -22.02
N LYS B 101 18.95 -20.82 -22.49
CA LYS B 101 17.68 -21.15 -23.11
C LYS B 101 16.75 -21.92 -22.18
N LEU B 102 17.12 -22.07 -20.91
CA LEU B 102 16.24 -22.71 -19.95
C LEU B 102 15.11 -21.78 -19.57
N SER B 103 13.90 -22.32 -19.48
CA SER B 103 12.74 -21.49 -19.15
C SER B 103 11.67 -22.17 -18.30
N ASP B 104 11.82 -23.44 -17.94
N ASP B 104 11.82 -23.44 -17.94
CA ASP B 104 10.91 -24.01 -16.95
CA ASP B 104 10.93 -23.99 -16.93
C ASP B 104 11.65 -25.10 -16.20
C ASP B 104 11.60 -25.16 -16.25
N TYR B 105 11.02 -25.56 -15.11
CA TYR B 105 11.66 -26.53 -14.23
C TYR B 105 11.90 -27.86 -14.94
N SER B 106 11.08 -28.17 -15.94
CA SER B 106 11.30 -29.42 -16.68
C SER B 106 12.65 -29.41 -17.40
N ASP B 107 13.16 -28.23 -17.72
CA ASP B 107 14.47 -28.08 -18.34
C ASP B 107 15.62 -28.39 -17.38
N LEU B 108 15.37 -28.51 -16.08
CA LEU B 108 16.44 -28.64 -15.08
C LEU B 108 16.72 -30.08 -14.64
N LYS B 109 16.03 -31.08 -15.22
CA LYS B 109 16.28 -32.46 -14.83
C LYS B 109 17.75 -32.79 -14.95
N GLY B 110 18.32 -33.32 -13.89
CA GLY B 110 19.71 -33.70 -13.87
C GLY B 110 20.68 -32.54 -13.74
N LYS B 111 20.18 -31.31 -13.67
CA LYS B 111 21.07 -30.17 -13.56
C LYS B 111 21.12 -29.67 -12.12
N ALA B 112 22.17 -28.90 -11.83
CA ALA B 112 22.36 -28.32 -10.51
C ALA B 112 21.70 -26.96 -10.44
N VAL B 113 20.92 -26.73 -9.38
CA VAL B 113 20.24 -25.47 -9.14
C VAL B 113 20.64 -24.96 -7.76
N GLY B 114 20.91 -23.66 -7.64
CA GLY B 114 21.41 -23.10 -6.41
C GLY B 114 20.37 -22.32 -5.62
N ALA B 115 20.59 -22.26 -4.31
CA ALA B 115 19.86 -21.37 -3.40
C ALA B 115 20.76 -21.05 -2.23
N LYS B 116 20.44 -19.95 -1.54
CA LYS B 116 21.19 -19.55 -0.38
C LYS B 116 20.72 -20.33 0.85
N ASN B 117 21.69 -20.72 1.69
CA ASN B 117 21.36 -21.44 2.89
C ASN B 117 20.40 -20.64 3.75
N GLY B 118 19.42 -21.34 4.30
CA GLY B 118 18.48 -20.77 5.25
C GLY B 118 17.28 -20.09 4.63
N THR B 119 17.18 -20.05 3.31
CA THR B 119 16.19 -19.20 2.63
C THR B 119 14.91 -19.94 2.25
N ALA B 120 13.88 -19.16 1.95
CA ALA B 120 12.65 -19.71 1.39
C ALA B 120 12.92 -20.40 0.05
N ALA B 121 13.86 -19.87 -0.73
CA ALA B 121 14.26 -20.49 -1.99
C ALA B 121 14.81 -21.89 -1.77
N GLN B 122 15.70 -22.05 -0.80
CA GLN B 122 16.20 -23.38 -0.49
C GLN B 122 15.08 -24.32 -0.12
N THR B 123 14.14 -23.85 0.69
CA THR B 123 13.02 -24.70 1.10
C THR B 123 12.21 -25.13 -0.12
N TRP B 124 11.89 -24.18 -1.00
CA TRP B 124 11.10 -24.52 -2.19
C TRP B 124 11.84 -25.55 -3.06
N LEU B 125 13.14 -25.34 -3.30
CA LEU B 125 13.90 -26.33 -4.08
C LEU B 125 13.86 -27.71 -3.44
N GLN B 126 14.04 -27.78 -2.12
CA GLN B 126 13.98 -29.07 -1.42
C GLN B 126 12.62 -29.74 -1.60
N GLU B 127 11.55 -28.95 -1.46
CA GLU B 127 10.20 -29.51 -1.50
C GLU B 127 9.86 -30.05 -2.88
N ASN B 128 10.44 -29.47 -3.94
CA ASN B 128 10.06 -29.80 -5.30
C ASN B 128 11.10 -30.62 -6.03
N GLN B 129 12.14 -31.06 -5.32
CA GLN B 129 13.22 -31.81 -5.97
C GLN B 129 12.71 -33.13 -6.54
N LYS B 130 11.86 -33.85 -5.81
CA LYS B 130 11.42 -35.15 -6.30
C LYS B 130 10.64 -34.99 -7.57
N LYS B 131 9.89 -33.89 -7.66
CA LYS B 131 9.03 -33.65 -8.81
C LYS B 131 9.85 -33.34 -10.05
N TYR B 132 10.92 -32.56 -9.91
CA TYR B 132 11.64 -32.04 -11.06
C TYR B 132 13.00 -32.67 -11.33
N GLY B 133 13.63 -33.26 -10.32
CA GLY B 133 14.79 -34.06 -10.59
C GLY B 133 16.07 -33.28 -10.82
N TYR B 134 16.13 -32.01 -10.42
CA TYR B 134 17.41 -31.30 -10.36
C TYR B 134 18.18 -31.75 -9.13
N THR B 135 19.46 -31.35 -9.06
CA THR B 135 20.22 -31.42 -7.83
C THR B 135 20.33 -30.03 -7.26
N ILE B 136 20.63 -29.96 -5.96
CA ILE B 136 20.61 -28.70 -5.22
C ILE B 136 22.01 -28.42 -4.71
N LYS B 137 22.47 -27.19 -4.94
CA LYS B 137 23.69 -26.68 -4.31
C LYS B 137 23.27 -25.51 -3.45
N THR B 138 23.87 -25.42 -2.27
CA THR B 138 23.54 -24.42 -1.26
C THR B 138 24.73 -23.48 -1.07
N TYR B 139 24.43 -22.21 -0.83
CA TYR B 139 25.44 -21.16 -0.78
C TYR B 139 25.27 -20.28 0.43
N SER B 140 26.40 -19.83 1.00
CA SER B 140 26.35 -18.98 2.19
C SER B 140 25.70 -17.63 1.90
N ASP B 141 25.93 -17.07 0.71
CA ASP B 141 25.39 -15.73 0.40
C ASP B 141 25.22 -15.59 -1.11
N GLY B 142 24.66 -14.44 -1.52
CA GLY B 142 24.42 -14.21 -2.92
C GLY B 142 25.68 -14.13 -3.75
N VAL B 143 26.76 -13.59 -3.16
CA VAL B 143 28.01 -13.54 -3.90
C VAL B 143 28.44 -14.95 -4.29
N HIS B 144 28.30 -15.91 -3.37
CA HIS B 144 28.70 -17.27 -3.72
C HIS B 144 27.74 -17.87 -4.75
N MET B 145 26.45 -17.68 -4.54
CA MET B 145 25.47 -18.29 -5.44
C MET B 145 25.62 -17.74 -6.86
N PHE B 146 25.72 -16.42 -7.00
CA PHE B 146 25.79 -15.87 -8.34
C PHE B 146 27.14 -16.12 -8.99
N ALA B 147 28.21 -16.33 -8.20
CA ALA B 147 29.48 -16.77 -8.77
C ALA B 147 29.35 -18.17 -9.36
N ALA B 148 28.59 -19.05 -8.71
CA ALA B 148 28.37 -20.39 -9.26
C ALA B 148 27.53 -20.34 -10.52
N LEU B 149 26.55 -19.45 -10.56
CA LEU B 149 25.76 -19.30 -11.79
C LEU B 149 26.64 -18.78 -12.92
N SER B 150 27.42 -17.75 -12.64
CA SER B 150 28.28 -17.16 -13.65
C SER B 150 29.30 -18.17 -14.20
N SER B 151 29.83 -19.03 -13.33
CA SER B 151 30.78 -20.03 -13.80
C SER B 151 30.11 -21.22 -14.47
N GLY B 152 28.78 -21.31 -14.42
CA GLY B 152 28.08 -22.46 -14.99
C GLY B 152 28.08 -23.68 -14.11
N ASN B 153 28.58 -23.58 -12.89
CA ASN B 153 28.54 -24.71 -11.98
C ASN B 153 27.12 -25.03 -11.55
N ILE B 154 26.20 -24.06 -11.59
CA ILE B 154 24.77 -24.28 -11.49
C ILE B 154 24.13 -23.69 -12.73
N ALA B 155 23.00 -24.28 -13.12
CA ALA B 155 22.23 -23.87 -14.30
C ALA B 155 21.19 -22.82 -13.98
N GLY B 156 20.85 -22.66 -12.72
CA GLY B 156 19.91 -21.62 -12.34
C GLY B 156 20.11 -21.34 -10.87
N ALA B 157 19.65 -20.18 -10.45
CA ALA B 157 19.75 -19.77 -9.06
C ALA B 157 18.38 -19.24 -8.64
N MET B 158 17.83 -19.78 -7.57
CA MET B 158 16.51 -19.38 -7.10
C MET B 158 16.64 -18.18 -6.15
N ASP B 159 15.92 -17.10 -6.44
CA ASP B 159 15.94 -15.94 -5.56
C ASP B 159 14.73 -15.07 -5.87
N GLU B 160 14.61 -13.98 -5.12
CA GLU B 160 13.47 -13.05 -5.25
C GLU B 160 13.47 -12.28 -6.57
N VAL B 161 12.28 -12.19 -7.18
CA VAL B 161 12.11 -11.46 -8.43
C VAL B 161 12.71 -10.04 -8.37
N PRO B 162 12.37 -9.20 -7.39
CA PRO B 162 12.92 -7.83 -7.39
C PRO B 162 14.43 -7.79 -7.31
N VAL B 163 15.07 -8.79 -6.69
CA VAL B 163 16.52 -8.81 -6.56
C VAL B 163 17.15 -9.16 -7.91
N ILE B 164 16.64 -10.19 -8.55
CA ILE B 164 17.16 -10.55 -9.86
C ILE B 164 16.88 -9.42 -10.84
N SER B 165 15.67 -8.85 -10.77
CA SER B 165 15.32 -7.75 -11.65
C SER B 165 16.27 -6.58 -11.51
N TYR B 166 16.54 -6.16 -10.27
CA TYR B 166 17.42 -5.04 -10.04
C TYR B 166 18.80 -5.33 -10.61
N ALA B 167 19.30 -6.56 -10.40
CA ALA B 167 20.60 -6.92 -10.90
C ALA B 167 20.66 -6.87 -12.42
N MET B 168 19.58 -7.32 -13.08
CA MET B 168 19.53 -7.21 -14.53
C MET B 168 19.59 -5.76 -14.97
N LYS B 169 18.86 -4.90 -14.28
CA LYS B 169 18.81 -3.47 -14.66
C LYS B 169 20.14 -2.79 -14.42
N GLN B 170 20.94 -3.28 -13.47
CA GLN B 170 22.28 -2.75 -13.27
C GLN B 170 23.27 -3.32 -14.27
N GLY B 171 22.85 -4.23 -15.15
CA GLY B 171 23.70 -4.75 -16.20
C GLY B 171 24.31 -6.11 -15.97
N GLN B 172 23.90 -6.83 -14.93
CA GLN B 172 24.47 -8.14 -14.71
C GLN B 172 23.99 -9.14 -15.78
N ASP B 173 24.80 -10.18 -15.98
CA ASP B 173 24.57 -11.20 -17.02
C ASP B 173 23.54 -12.21 -16.52
N LEU B 174 22.29 -11.75 -16.48
CA LEU B 174 21.18 -12.51 -15.94
C LEU B 174 19.96 -12.39 -16.84
N ALA B 175 19.11 -13.42 -16.79
CA ALA B 175 17.78 -13.39 -17.40
C ALA B 175 16.78 -13.99 -16.43
N MET B 176 15.50 -13.65 -16.64
CA MET B 176 14.38 -14.25 -15.93
C MET B 176 13.43 -14.87 -16.95
N ASN B 177 13.75 -16.08 -17.38
CA ASN B 177 12.97 -16.82 -18.36
C ASN B 177 11.84 -17.65 -17.74
N PHE B 178 11.86 -17.82 -16.41
CA PHE B 178 10.92 -18.71 -15.73
C PHE B 178 9.74 -17.96 -15.18
N PRO B 179 8.67 -18.66 -14.88
CA PRO B 179 7.55 -18.02 -14.18
C PRO B 179 7.91 -17.74 -12.73
N SER B 180 6.98 -17.17 -11.98
CA SER B 180 7.27 -16.77 -10.61
C SER B 180 6.32 -17.47 -9.65
N ILE B 181 6.87 -17.73 -8.46
CA ILE B 181 6.17 -18.36 -7.36
C ILE B 181 5.82 -17.25 -6.35
N SER B 182 4.52 -16.97 -6.15
N SER B 182 4.52 -16.99 -6.13
CA SER B 182 4.13 -15.98 -5.17
CA SER B 182 4.10 -15.95 -5.19
C SER B 182 4.07 -16.61 -3.79
C SER B 182 4.00 -16.55 -3.79
N LEU B 183 4.79 -16.03 -2.84
CA LEU B 183 4.77 -16.47 -1.46
C LEU B 183 3.92 -15.50 -0.66
N PRO B 184 2.70 -15.87 -0.27
CA PRO B 184 1.72 -14.84 0.13
C PRO B 184 2.03 -14.15 1.45
N GLY B 185 2.96 -14.68 2.25
CA GLY B 185 3.26 -14.05 3.52
C GLY B 185 3.91 -12.68 3.37
N GLY B 186 4.61 -12.44 2.28
CA GLY B 186 5.33 -11.19 2.10
C GLY B 186 6.62 -11.17 2.93
N TYR B 187 7.33 -10.04 2.87
CA TYR B 187 8.52 -9.84 3.68
C TYR B 187 8.16 -9.32 5.06
N GLY B 188 8.87 -9.78 6.08
CA GLY B 188 8.61 -9.31 7.43
C GLY B 188 9.89 -8.96 8.18
N PHE B 189 9.75 -8.04 9.12
CA PHE B 189 10.76 -7.84 10.15
C PHE B 189 10.66 -8.97 11.15
N ALA B 190 11.80 -9.57 11.51
CA ALA B 190 11.81 -10.82 12.26
C ALA B 190 12.53 -10.69 13.59
N VAL B 191 11.96 -11.32 14.61
CA VAL B 191 12.66 -11.50 15.89
C VAL B 191 12.57 -12.98 16.28
N MET B 192 13.41 -13.35 17.25
CA MET B 192 13.31 -14.70 17.80
C MET B 192 11.96 -14.90 18.48
N LYS B 193 11.37 -16.07 18.28
CA LYS B 193 10.07 -16.33 18.86
C LYS B 193 10.11 -16.08 20.36
N GLY B 194 9.13 -15.31 20.83
CA GLY B 194 8.97 -15.01 22.22
C GLY B 194 9.84 -13.91 22.76
N LYS B 195 10.64 -13.26 21.92
CA LYS B 195 11.57 -12.20 22.31
C LYS B 195 11.22 -10.91 21.60
N ASN B 196 11.56 -9.80 22.24
CA ASN B 196 11.57 -8.50 21.58
C ASN B 196 10.22 -8.16 20.95
N SER B 197 9.14 -8.53 21.64
CA SER B 197 7.81 -8.26 21.11
C SER B 197 7.56 -6.78 20.87
N THR B 198 8.14 -5.90 21.70
CA THR B 198 7.92 -4.48 21.51
C THR B 198 8.61 -3.95 20.26
N LEU B 199 9.64 -4.64 19.78
CA LEU B 199 10.26 -4.23 18.51
C LEU B 199 9.31 -4.52 17.36
N VAL B 200 8.65 -5.67 17.40
CA VAL B 200 7.66 -6.01 16.40
C VAL B 200 6.52 -5.01 16.44
N ASP B 201 6.00 -4.74 17.65
N ASP B 201 6.01 -4.71 17.64
CA ASP B 201 4.95 -3.74 17.81
CA ASP B 201 4.92 -3.73 17.75
C ASP B 201 5.38 -2.40 17.22
C ASP B 201 5.37 -2.37 17.24
N GLY B 202 6.60 -1.97 17.57
CA GLY B 202 7.09 -0.69 17.10
C GLY B 202 7.26 -0.66 15.59
N PHE B 203 7.72 -1.76 15.01
CA PHE B 203 7.82 -1.85 13.57
C PHE B 203 6.43 -1.69 12.94
N ASN B 204 5.43 -2.39 13.48
CA ASN B 204 4.10 -2.36 12.89
C ASN B 204 3.50 -0.96 12.94
N LYS B 205 3.63 -0.29 14.10
CA LYS B 205 3.04 1.04 14.23
C LYS B 205 3.74 2.03 13.34
N ALA B 206 5.06 1.92 13.23
CA ALA B 206 5.79 2.83 12.35
C ALA B 206 5.49 2.54 10.89
N LEU B 207 5.43 1.25 10.50
CA LEU B 207 5.06 0.95 9.12
C LEU B 207 3.70 1.55 8.76
N ALA B 208 2.72 1.43 9.66
CA ALA B 208 1.40 2.01 9.38
C ALA B 208 1.47 3.51 9.21
N GLU B 209 2.24 4.18 10.05
CA GLU B 209 2.42 5.62 9.92
C GLU B 209 3.06 5.96 8.57
N MET B 210 4.04 5.16 8.13
CA MET B 210 4.75 5.40 6.88
C MET B 210 3.87 5.13 5.66
N LYS B 211 2.97 4.15 5.75
CA LYS B 211 2.03 3.98 4.65
C LYS B 211 1.07 5.16 4.60
N SER B 212 0.59 5.60 5.76
N SER B 212 0.63 5.65 5.77
CA SER B 212 -0.33 6.73 5.81
CA SER B 212 -0.36 6.72 5.80
C SER B 212 0.30 8.00 5.26
C SER B 212 0.24 8.08 5.41
N ASN B 213 1.51 8.33 5.72
CA ASN B 213 2.09 9.63 5.42
C ASN B 213 2.82 9.66 4.08
N GLY B 214 2.86 8.55 3.33
CA GLY B 214 3.44 8.57 2.01
C GLY B 214 4.92 8.23 1.96
N ASP B 215 5.58 8.13 3.12
CA ASP B 215 7.02 7.90 3.15
C ASP B 215 7.38 6.50 2.63
N TYR B 216 6.55 5.50 2.94
CA TYR B 216 6.80 4.13 2.47
C TYR B 216 6.84 4.07 0.95
N ASP B 217 5.83 4.61 0.27
CA ASP B 217 5.85 4.55 -1.19
C ASP B 217 7.05 5.28 -1.76
N LYS B 218 7.48 6.38 -1.13
CA LYS B 218 8.62 7.11 -1.63
C LYS B 218 9.90 6.30 -1.50
N ILE B 219 10.04 5.54 -0.40
CA ILE B 219 11.22 4.69 -0.25
C ILE B 219 11.28 3.67 -1.38
N LEU B 220 10.15 3.02 -1.65
CA LEU B 220 10.14 2.02 -2.72
C LEU B 220 10.50 2.66 -4.05
N LYS B 221 9.94 3.83 -4.34
CA LYS B 221 10.17 4.50 -5.60
C LYS B 221 11.63 4.90 -5.76
N LYS B 222 12.28 5.25 -4.64
CA LYS B 222 13.68 5.64 -4.68
C LYS B 222 14.56 4.55 -5.26
N TYR B 223 14.18 3.28 -5.05
CA TYR B 223 14.96 2.14 -5.52
C TYR B 223 14.27 1.42 -6.68
N GLY B 224 13.38 2.10 -7.39
CA GLY B 224 12.86 1.63 -8.65
C GLY B 224 11.59 0.82 -8.56
N ILE B 225 10.96 0.74 -7.40
CA ILE B 225 9.80 -0.13 -7.19
C ILE B 225 8.55 0.75 -7.06
N THR B 226 7.50 0.39 -7.80
CA THR B 226 6.19 1.02 -7.67
C THR B 226 5.31 0.09 -6.87
N ALA B 227 4.91 0.51 -5.66
CA ALA B 227 4.06 -0.32 -4.82
C ALA B 227 2.77 -0.74 -5.53
N GLU C 3 3.03 43.92 -15.19
CA GLU C 3 2.60 43.93 -13.79
C GLU C 3 3.68 43.37 -12.87
N THR C 4 3.50 43.62 -11.57
CA THR C 4 4.46 43.15 -10.57
C THR C 4 4.18 41.68 -10.33
N THR C 5 5.24 40.86 -10.27
CA THR C 5 5.10 39.45 -9.93
C THR C 5 5.27 39.30 -8.42
N VAL C 6 4.34 38.58 -7.80
CA VAL C 6 4.33 38.39 -6.37
C VAL C 6 4.30 36.89 -6.09
N LYS C 7 5.34 36.39 -5.45
CA LYS C 7 5.44 34.97 -5.13
C LYS C 7 5.04 34.78 -3.68
N ILE C 8 3.98 34.00 -3.46
CA ILE C 8 3.43 33.73 -2.14
C ILE C 8 3.45 32.22 -1.90
N ALA C 9 4.07 31.81 -0.80
CA ALA C 9 4.13 30.41 -0.40
C ALA C 9 3.09 30.13 0.68
N SER C 10 2.62 28.88 0.72
CA SER C 10 1.57 28.47 1.64
C SER C 10 1.84 27.03 2.09
N ASP C 11 0.98 26.56 3.00
CA ASP C 11 0.98 25.18 3.44
C ASP C 11 0.49 24.30 2.31
N SER C 12 0.76 23.01 2.44
CA SER C 12 0.41 22.06 1.40
C SER C 12 -0.91 21.36 1.65
N SER C 13 -1.39 21.34 2.89
N SER C 13 -1.40 21.36 2.89
CA SER C 13 -2.68 20.75 3.22
CA SER C 13 -2.68 20.74 3.22
C SER C 13 -3.14 21.40 4.52
C SER C 13 -3.14 21.40 4.52
N TYR C 14 -4.05 22.36 4.42
CA TYR C 14 -4.51 23.08 5.60
C TYR C 14 -5.95 23.53 5.37
N ALA C 15 -6.82 22.59 5.02
CA ALA C 15 -8.22 22.94 4.85
C ALA C 15 -8.80 23.49 6.16
N PRO C 16 -9.63 24.52 6.12
CA PRO C 16 -10.26 25.15 4.94
C PRO C 16 -9.49 26.32 4.33
N PHE C 17 -8.23 26.53 4.72
CA PHE C 17 -7.48 27.71 4.28
C PHE C 17 -6.77 27.48 2.95
N GLU C 18 -6.08 26.36 2.79
CA GLU C 18 -5.54 25.97 1.49
C GLU C 18 -5.60 24.46 1.40
N PHE C 19 -6.15 23.95 0.30
CA PHE C 19 -6.25 22.53 0.08
C PHE C 19 -6.66 22.30 -1.37
N GLN C 20 -6.54 21.06 -1.82
CA GLN C 20 -6.93 20.68 -3.17
C GLN C 20 -8.30 20.02 -3.15
N ASN C 21 -9.18 20.44 -4.06
CA ASN C 21 -10.52 19.88 -4.14
C ASN C 21 -10.49 18.59 -4.96
N GLY C 22 -11.67 18.06 -5.29
CA GLY C 22 -11.73 16.79 -5.99
C GLY C 22 -11.14 16.84 -7.38
N GLN C 23 -11.09 18.03 -7.99
CA GLN C 23 -10.50 18.22 -9.30
C GLN C 23 -9.02 18.55 -9.24
N LYS C 24 -8.41 18.50 -8.04
CA LYS C 24 -7.00 18.78 -7.77
C LYS C 24 -6.66 20.27 -7.81
N LYS C 25 -7.66 21.16 -7.91
CA LYS C 25 -7.40 22.59 -7.92
C LYS C 25 -7.19 23.10 -6.51
N TRP C 26 -6.27 24.05 -6.37
CA TRP C 26 -6.03 24.69 -5.08
C TRP C 26 -7.15 25.66 -4.77
N VAL C 27 -7.78 25.47 -3.61
CA VAL C 27 -8.89 26.27 -3.13
C VAL C 27 -8.67 26.54 -1.64
N GLY C 28 -9.59 27.32 -1.09
CA GLY C 28 -9.63 27.59 0.33
C GLY C 28 -9.71 29.08 0.62
N ILE C 29 -9.92 29.37 1.90
CA ILE C 29 -10.07 30.75 2.34
C ILE C 29 -8.83 31.56 2.01
N ASP C 30 -7.65 31.03 2.34
CA ASP C 30 -6.41 31.76 2.05
C ASP C 30 -6.21 31.94 0.57
N VAL C 31 -6.46 30.88 -0.20
CA VAL C 31 -6.25 30.91 -1.64
C VAL C 31 -7.15 31.97 -2.28
N ASP C 32 -8.42 31.96 -1.90
CA ASP C 32 -9.38 32.88 -2.49
C ASP C 32 -9.09 34.31 -2.08
N ILE C 33 -8.72 34.52 -0.81
CA ILE C 33 -8.39 35.86 -0.35
C ILE C 33 -7.18 36.38 -1.11
N MET C 34 -6.11 35.58 -1.18
CA MET C 34 -4.90 36.01 -1.84
C MET C 34 -5.13 36.27 -3.32
N GLN C 35 -5.93 35.43 -3.99
CA GLN C 35 -6.21 35.64 -5.40
C GLN C 35 -6.92 36.97 -5.60
N GLU C 36 -7.89 37.29 -4.75
N GLU C 36 -7.89 37.28 -4.74
CA GLU C 36 -8.63 38.54 -4.90
CA GLU C 36 -8.63 38.53 -4.89
C GLU C 36 -7.77 39.73 -4.50
C GLU C 36 -7.77 39.73 -4.50
N VAL C 37 -6.92 39.56 -3.48
CA VAL C 37 -5.97 40.63 -3.13
C VAL C 37 -5.09 40.97 -4.32
N ALA C 38 -4.57 39.93 -4.98
CA ALA C 38 -3.75 40.15 -6.16
C ALA C 38 -4.56 40.84 -7.26
N LYS C 39 -5.82 40.45 -7.44
CA LYS C 39 -6.64 41.07 -8.48
C LYS C 39 -6.86 42.56 -8.19
N ILE C 40 -7.18 42.88 -6.95
CA ILE C 40 -7.42 44.28 -6.57
C ILE C 40 -6.17 45.12 -6.81
N ASN C 41 -4.98 44.56 -6.56
CA ASN C 41 -3.73 45.30 -6.65
C ASN C 41 -3.05 45.18 -8.01
N ASP C 42 -3.63 44.43 -8.95
CA ASP C 42 -3.04 44.19 -10.26
C ASP C 42 -1.68 43.50 -10.15
N TRP C 43 -1.59 42.55 -9.23
CA TRP C 43 -0.38 41.73 -9.09
C TRP C 43 -0.52 40.48 -9.92
N LYS C 44 0.58 40.03 -10.52
CA LYS C 44 0.65 38.72 -11.13
C LYS C 44 1.08 37.76 -10.03
N LEU C 45 0.13 36.95 -9.57
CA LEU C 45 0.33 36.14 -8.38
C LEU C 45 0.84 34.76 -8.75
N GLU C 46 1.89 34.32 -8.03
CA GLU C 46 2.48 33.00 -8.22
C GLU C 46 2.42 32.30 -6.87
N MET C 47 1.42 31.44 -6.70
CA MET C 47 1.30 30.66 -5.48
C MET C 47 2.18 29.43 -5.53
N SER C 48 2.71 29.06 -4.38
CA SER C 48 3.34 27.78 -4.18
C SER C 48 2.83 27.23 -2.86
N TYR C 49 2.86 25.90 -2.74
CA TYR C 49 2.29 25.21 -1.57
C TYR C 49 3.25 24.17 -1.02
N PRO C 50 4.45 24.59 -0.59
CA PRO C 50 5.47 23.60 -0.17
C PRO C 50 5.27 22.99 1.20
N GLY C 51 4.38 23.53 2.03
CA GLY C 51 4.30 23.20 3.43
C GLY C 51 4.75 24.38 4.27
N PHE C 52 4.24 24.45 5.49
CA PHE C 52 4.41 25.68 6.28
C PHE C 52 5.88 25.92 6.60
N ASP C 53 6.56 24.94 7.20
CA ASP C 53 7.96 25.15 7.55
C ASP C 53 8.79 25.47 6.32
N ALA C 54 8.51 24.79 5.20
CA ALA C 54 9.24 25.05 3.97
C ALA C 54 8.96 26.46 3.45
N ALA C 55 7.70 26.90 3.56
CA ALA C 55 7.35 28.28 3.18
C ALA C 55 8.15 29.29 4.00
N LEU C 56 8.26 29.08 5.32
CA LEU C 56 9.08 29.95 6.15
C LEU C 56 10.51 29.99 5.64
N GLN C 57 11.08 28.84 5.32
CA GLN C 57 12.46 28.81 4.87
C GLN C 57 12.60 29.57 3.56
N ASN C 58 11.64 29.40 2.65
CA ASN C 58 11.72 30.07 1.36
C ASN C 58 11.58 31.57 1.51
N LEU C 59 10.73 32.01 2.43
CA LEU C 59 10.54 33.43 2.66
C LEU C 59 11.80 34.06 3.25
N LYS C 60 12.39 33.40 4.25
CA LYS C 60 13.61 33.91 4.86
C LYS C 60 14.76 33.97 3.87
N ALA C 61 14.80 33.03 2.92
CA ALA C 61 15.84 33.00 1.90
C ALA C 61 15.59 33.96 0.75
N GLY C 62 14.45 34.64 0.73
CA GLY C 62 14.08 35.51 -0.37
C GLY C 62 13.59 34.80 -1.62
N GLN C 63 13.34 33.49 -1.56
CA GLN C 63 12.83 32.76 -2.73
C GLN C 63 11.36 33.08 -3.01
N VAL C 64 10.61 33.48 -1.98
CA VAL C 64 9.27 34.03 -2.16
C VAL C 64 9.18 35.35 -1.42
N ASP C 65 8.11 36.09 -1.71
CA ASP C 65 7.94 37.44 -1.18
C ASP C 65 7.06 37.52 0.06
N GLY C 66 6.16 36.56 0.26
CA GLY C 66 5.23 36.61 1.36
C GLY C 66 4.65 35.23 1.59
N ILE C 67 3.92 35.09 2.70
CA ILE C 67 3.27 33.86 3.09
C ILE C 67 1.84 34.16 3.42
N ILE C 68 0.93 33.30 2.97
CA ILE C 68 -0.38 33.21 3.57
C ILE C 68 -0.63 31.73 3.82
N ALA C 69 -0.85 31.37 5.08
CA ALA C 69 -0.88 29.95 5.48
C ALA C 69 -1.48 29.80 6.87
N GLY C 70 -2.65 30.39 7.08
CA GLY C 70 -3.26 30.33 8.41
C GLY C 70 -2.27 30.69 9.50
N MET C 71 -1.48 31.74 9.28
CA MET C 71 -0.31 32.01 10.12
C MET C 71 -0.64 32.99 11.24
N THR C 72 -0.54 32.53 12.48
CA THR C 72 -0.86 33.35 13.63
C THR C 72 0.12 34.50 13.80
N ILE C 73 -0.42 35.69 14.02
CA ILE C 73 0.38 36.85 14.45
C ILE C 73 0.69 36.70 15.92
N THR C 74 1.97 36.78 16.28
CA THR C 74 2.37 36.79 17.68
C THR C 74 3.42 37.88 17.87
N ASP C 75 3.56 38.32 19.11
CA ASP C 75 4.54 39.38 19.38
C ASP C 75 5.95 38.89 19.07
N GLU C 76 6.25 37.63 19.38
CA GLU C 76 7.59 37.13 19.06
C GLU C 76 7.76 37.05 17.55
N ARG C 77 6.72 36.62 16.82
CA ARG C 77 6.83 36.56 15.36
C ARG C 77 7.04 37.94 14.76
N LYS C 78 6.51 38.99 15.39
CA LYS C 78 6.69 40.35 14.91
C LYS C 78 8.13 40.84 14.98
N GLU C 79 8.99 40.13 15.72
CA GLU C 79 10.41 40.45 15.71
C GLU C 79 11.09 39.96 14.45
N THR C 80 10.47 39.03 13.73
CA THR C 80 11.07 38.46 12.52
C THR C 80 10.28 38.77 11.26
N PHE C 81 8.97 38.92 11.36
CA PHE C 81 8.09 39.16 10.23
C PHE C 81 7.32 40.46 10.43
N ASP C 82 6.93 41.06 9.32
CA ASP C 82 5.88 42.07 9.33
C ASP C 82 4.59 41.42 8.83
N PHE C 83 3.48 41.78 9.46
CA PHE C 83 2.19 41.19 9.17
C PHE C 83 1.20 42.25 8.70
N SER C 84 0.25 41.79 7.90
CA SER C 84 -0.95 42.55 7.61
C SER C 84 -1.82 42.67 8.86
N ASN C 85 -2.88 43.47 8.74
CA ASN C 85 -3.98 43.35 9.69
C ASN C 85 -4.49 41.91 9.69
N PRO C 86 -5.02 41.43 10.83
CA PRO C 86 -5.50 40.05 10.86
C PRO C 86 -6.74 39.87 9.99
N TYR C 87 -6.82 38.72 9.32
CA TYR C 87 -7.97 38.42 8.48
C TYR C 87 -8.78 37.23 8.99
N TYR C 88 -8.41 36.66 10.12
CA TYR C 88 -9.21 35.62 10.77
C TYR C 88 -8.68 35.44 12.18
N THR C 89 -9.49 34.81 13.03
CA THR C 89 -9.05 34.50 14.38
C THR C 89 -8.20 33.24 14.41
N SER C 90 -7.46 33.09 15.51
CA SER C 90 -6.53 31.99 15.71
C SER C 90 -6.84 31.34 17.05
N ALA C 91 -6.94 30.01 17.06
CA ALA C 91 -7.15 29.27 18.31
C ALA C 91 -6.62 27.86 18.16
N LEU C 92 -5.92 27.39 19.18
CA LEU C 92 -5.27 26.10 19.18
C LEU C 92 -5.97 25.14 20.11
N THR C 93 -5.94 23.86 19.76
CA THR C 93 -6.36 22.84 20.72
C THR C 93 -5.71 21.52 20.33
N ILE C 94 -5.87 20.53 21.19
CA ILE C 94 -5.29 19.21 20.98
C ILE C 94 -6.32 18.28 20.35
N ALA C 95 -6.03 17.85 19.14
CA ALA C 95 -6.81 16.81 18.50
C ALA C 95 -6.37 15.45 19.01
N THR C 96 -7.35 14.59 19.25
CA THR C 96 -7.09 13.18 19.54
C THR C 96 -7.98 12.36 18.61
N THR C 97 -7.74 11.06 18.60
CA THR C 97 -8.71 10.14 18.00
C THR C 97 -10.03 10.21 18.77
N LYS C 98 -11.07 9.65 18.14
CA LYS C 98 -12.38 9.63 18.79
C LYS C 98 -12.38 8.74 20.02
N ASP C 99 -11.51 7.74 20.05
CA ASP C 99 -11.51 6.80 21.16
C ASP C 99 -10.68 7.28 22.36
N SER C 100 -9.88 8.31 22.19
CA SER C 100 -9.11 8.83 23.31
C SER C 100 -10.01 9.35 24.41
N LYS C 101 -9.58 9.12 25.66
CA LYS C 101 -10.27 9.64 26.82
C LYS C 101 -9.55 10.83 27.44
N LEU C 102 -8.45 11.29 26.84
CA LEU C 102 -7.71 12.43 27.36
C LEU C 102 -8.51 13.72 27.14
N SER C 103 -8.51 14.59 28.14
CA SER C 103 -9.25 15.84 28.03
C SER C 103 -8.58 17.01 28.73
N ASP C 104 -7.50 16.77 29.48
CA ASP C 104 -6.84 17.82 30.24
C ASP C 104 -5.37 17.77 29.91
N TYR C 105 -4.74 18.95 29.82
CA TYR C 105 -3.33 18.98 29.46
C TYR C 105 -2.50 18.19 30.47
N SER C 106 -2.94 18.11 31.72
CA SER C 106 -2.21 17.32 32.70
C SER C 106 -2.25 15.83 32.37
N ASP C 107 -3.24 15.39 31.58
CA ASP C 107 -3.30 13.98 31.19
C ASP C 107 -2.16 13.57 30.27
N LEU C 108 -1.39 14.52 29.75
CA LEU C 108 -0.41 14.23 28.73
C LEU C 108 0.96 13.91 29.31
N LYS C 109 1.10 13.91 30.64
CA LYS C 109 2.38 13.60 31.27
C LYS C 109 2.91 12.26 30.80
N GLY C 110 4.18 12.24 30.36
CA GLY C 110 4.81 11.02 29.88
C GLY C 110 4.38 10.59 28.50
N LYS C 111 3.50 11.34 27.84
CA LYS C 111 3.06 11.03 26.48
C LYS C 111 3.70 11.96 25.47
N ALA C 112 3.71 11.52 24.21
CA ALA C 112 4.21 12.33 23.10
C ALA C 112 3.07 13.11 22.47
N VAL C 113 3.31 14.38 22.20
CA VAL C 113 2.32 15.25 21.58
C VAL C 113 2.95 15.86 20.34
N GLY C 114 2.18 15.93 19.25
CA GLY C 114 2.67 16.42 17.99
C GLY C 114 2.31 17.86 17.66
N ALA C 115 3.16 18.49 16.87
CA ALA C 115 2.88 19.79 16.26
C ALA C 115 3.70 19.87 14.97
N LYS C 116 3.31 20.77 14.08
CA LYS C 116 4.08 20.92 12.86
C LYS C 116 5.28 21.81 13.10
N ASN C 117 6.35 21.53 12.35
CA ASN C 117 7.55 22.33 12.43
C ASN C 117 7.24 23.78 12.15
N GLY C 118 7.86 24.66 12.96
CA GLY C 118 7.78 26.09 12.74
C GLY C 118 6.54 26.78 13.26
N THR C 119 5.61 26.08 13.89
CA THR C 119 4.28 26.60 14.16
C THR C 119 4.13 27.19 15.56
N ALA C 120 3.06 27.99 15.68
CA ALA C 120 2.62 28.51 16.96
C ALA C 120 2.25 27.38 17.91
N ALA C 121 1.72 26.27 17.37
CA ALA C 121 1.44 25.10 18.19
C ALA C 121 2.73 24.57 18.83
N GLN C 122 3.78 24.42 18.04
CA GLN C 122 5.06 23.95 18.58
C GLN C 122 5.55 24.87 19.69
N THR C 123 5.40 26.18 19.46
CA THR C 123 5.84 27.15 20.45
C THR C 123 5.05 27.00 21.75
N TRP C 124 3.75 26.81 21.66
CA TRP C 124 2.96 26.64 22.87
C TRP C 124 3.36 25.35 23.60
N LEU C 125 3.52 24.25 22.85
CA LEU C 125 3.93 23.01 23.48
C LEU C 125 5.28 23.15 24.18
N GLN C 126 6.25 23.80 23.52
CA GLN C 126 7.55 23.97 24.15
C GLN C 126 7.44 24.81 25.41
N GLU C 127 6.63 25.88 25.37
CA GLU C 127 6.50 26.76 26.54
C GLU C 127 5.88 26.05 27.72
N ASN C 128 5.03 25.06 27.48
CA ASN C 128 4.29 24.40 28.54
C ASN C 128 4.78 22.97 28.80
N GLN C 129 5.88 22.56 28.17
CA GLN C 129 6.41 21.22 28.39
C GLN C 129 6.78 20.99 29.86
N LYS C 130 7.40 21.99 30.50
CA LYS C 130 7.81 21.78 31.89
C LYS C 130 6.60 21.59 32.80
N LYS C 131 5.54 22.32 32.52
CA LYS C 131 4.36 22.25 33.39
C LYS C 131 3.66 20.91 33.27
N TYR C 132 3.53 20.38 32.05
CA TYR C 132 2.69 19.21 31.85
C TYR C 132 3.45 17.91 31.63
N GLY C 133 4.72 17.97 31.21
CA GLY C 133 5.56 16.79 31.22
C GLY C 133 5.37 15.82 30.07
N TYR C 134 4.78 16.27 28.97
CA TYR C 134 4.80 15.51 27.74
C TYR C 134 6.16 15.71 27.05
N THR C 135 6.36 14.94 25.98
CA THR C 135 7.44 15.20 25.03
C THR C 135 6.79 15.67 23.73
N ILE C 136 7.59 16.29 22.87
CA ILE C 136 7.09 16.89 21.64
C ILE C 136 7.73 16.18 20.45
N LYS C 137 6.89 15.80 19.50
CA LYS C 137 7.33 15.37 18.18
C LYS C 137 6.86 16.39 17.16
N THR C 138 7.73 16.73 16.21
CA THR C 138 7.35 17.69 15.17
C THR C 138 7.36 17.07 13.78
N TYR C 139 6.53 17.63 12.90
CA TYR C 139 6.22 17.09 11.59
C TYR C 139 6.26 18.17 10.52
N SER C 140 6.68 17.77 9.31
CA SER C 140 6.77 18.71 8.21
C SER C 140 5.41 19.25 7.81
N ASP C 141 4.38 18.42 7.89
CA ASP C 141 3.06 18.82 7.43
C ASP C 141 1.98 18.05 8.18
N GLY C 142 0.74 18.44 7.94
CA GLY C 142 -0.39 17.81 8.60
C GLY C 142 -0.57 16.36 8.24
N VAL C 143 -0.26 15.99 6.99
CA VAL C 143 -0.38 14.59 6.62
C VAL C 143 0.50 13.75 7.53
N HIS C 144 1.74 14.19 7.78
CA HIS C 144 2.63 13.41 8.64
C HIS C 144 2.18 13.46 10.09
N MET C 145 1.75 14.62 10.57
CA MET C 145 1.33 14.73 11.97
C MET C 145 0.10 13.87 12.24
N PHE C 146 -0.91 13.95 11.36
CA PHE C 146 -2.10 13.17 11.63
C PHE C 146 -1.89 11.67 11.39
N ALA C 147 -0.89 11.30 10.57
CA ALA C 147 -0.54 9.89 10.46
C ALA C 147 0.05 9.34 11.76
N ALA C 148 0.83 10.16 12.47
CA ALA C 148 1.36 9.72 13.75
C ALA C 148 0.25 9.60 14.76
N LEU C 149 -0.74 10.47 14.69
CA LEU C 149 -1.87 10.38 15.60
C LEU C 149 -2.68 9.13 15.33
N SER C 150 -3.01 8.86 14.05
CA SER C 150 -3.80 7.67 13.77
C SER C 150 -3.02 6.38 14.05
N SER C 151 -1.71 6.40 13.88
CA SER C 151 -0.90 5.23 14.20
C SER C 151 -0.71 5.02 15.69
N GLY C 152 -1.02 6.00 16.53
CA GLY C 152 -0.78 5.90 17.95
C GLY C 152 0.60 6.32 18.41
N ASN C 153 1.44 6.85 17.52
N ASN C 153 1.45 6.83 17.52
CA ASN C 153 2.80 7.24 17.92
CA ASN C 153 2.78 7.27 17.95
C ASN C 153 2.84 8.63 18.57
C ASN C 153 2.71 8.51 18.83
N ILE C 154 1.74 9.38 18.58
CA ILE C 154 1.49 10.54 19.43
C ILE C 154 0.10 10.39 20.04
N ALA C 155 -0.06 10.95 21.23
CA ALA C 155 -1.33 10.90 21.96
C ALA C 155 -2.24 12.06 21.61
N GLY C 156 -1.70 13.09 20.98
CA GLY C 156 -2.46 14.25 20.58
C GLY C 156 -1.67 15.06 19.59
N ALA C 157 -2.39 15.92 18.86
CA ALA C 157 -1.78 16.77 17.85
C ALA C 157 -2.36 18.16 18.01
N MET C 158 -1.48 19.14 18.28
N MET C 158 -1.49 19.14 18.29
CA MET C 158 -1.91 20.52 18.50
CA MET C 158 -1.95 20.50 18.49
C MET C 158 -1.99 21.25 17.16
C MET C 158 -2.01 21.23 17.15
N ASP C 159 -3.16 21.81 16.86
CA ASP C 159 -3.35 22.58 15.64
C ASP C 159 -4.53 23.51 15.81
N GLU C 160 -4.81 24.28 14.77
CA GLU C 160 -5.89 25.24 14.79
C GLU C 160 -7.27 24.56 14.84
N VAL C 161 -8.13 25.11 15.68
CA VAL C 161 -9.52 24.64 15.80
C VAL C 161 -10.21 24.54 14.43
N PRO C 162 -10.23 25.57 13.59
CA PRO C 162 -10.97 25.41 12.32
C PRO C 162 -10.41 24.32 11.42
N VAL C 163 -9.11 24.05 11.49
CA VAL C 163 -8.53 22.98 10.67
C VAL C 163 -8.96 21.62 11.19
N ILE C 164 -8.88 21.43 12.50
CA ILE C 164 -9.34 20.18 13.09
C ILE C 164 -10.82 20.00 12.83
N SER C 165 -11.60 21.06 13.05
CA SER C 165 -13.05 20.99 12.87
C SER C 165 -13.41 20.59 11.44
N TYR C 166 -12.74 21.21 10.46
CA TYR C 166 -13.03 20.87 9.06
C TYR C 166 -12.76 19.40 8.79
N ALA C 167 -11.64 18.90 9.32
CA ALA C 167 -11.31 17.49 9.13
C ALA C 167 -12.34 16.59 9.78
N MET C 168 -12.83 16.96 10.96
CA MET C 168 -13.91 16.20 11.60
C MET C 168 -15.15 16.19 10.72
N LYS C 169 -15.47 17.32 10.11
CA LYS C 169 -16.67 17.39 9.27
C LYS C 169 -16.54 16.50 8.04
N GLN C 170 -15.32 16.24 7.59
CA GLN C 170 -15.10 15.34 6.47
C GLN C 170 -15.13 13.88 6.89
N GLY C 171 -15.28 13.60 8.18
CA GLY C 171 -15.38 12.25 8.69
C GLY C 171 -14.09 11.68 9.27
N GLN C 172 -13.05 12.48 9.45
CA GLN C 172 -11.78 11.95 9.95
C GLN C 172 -11.91 11.59 11.43
N ASP C 173 -11.08 10.62 11.86
CA ASP C 173 -11.16 10.09 13.23
C ASP C 173 -10.45 11.06 14.19
N LEU C 174 -11.13 12.18 14.45
CA LEU C 174 -10.60 13.23 15.31
C LEU C 174 -11.67 13.72 16.27
N ALA C 175 -11.23 14.17 17.44
CA ALA C 175 -12.10 14.82 18.41
C ALA C 175 -11.36 15.98 19.05
N MET C 176 -12.12 16.90 19.64
CA MET C 176 -11.56 18.03 20.36
C MET C 176 -12.09 18.00 21.79
N ASN C 177 -11.41 17.24 22.66
CA ASN C 177 -11.79 17.08 24.06
C ASN C 177 -11.17 18.10 24.99
N PHE C 178 -10.17 18.84 24.51
CA PHE C 178 -9.35 19.72 25.34
C PHE C 178 -9.84 21.15 25.27
N PRO C 179 -9.41 22.01 26.18
CA PRO C 179 -9.74 23.43 26.06
C PRO C 179 -9.09 24.06 24.84
N SER C 180 -9.66 25.18 24.43
CA SER C 180 -9.14 25.99 23.34
C SER C 180 -8.21 27.05 23.90
N ILE C 181 -7.14 27.31 23.17
CA ILE C 181 -6.19 28.37 23.50
C ILE C 181 -6.36 29.45 22.45
N SER C 182 -6.93 30.58 22.85
CA SER C 182 -7.10 31.71 21.94
C SER C 182 -5.77 32.41 21.76
N LEU C 183 -5.36 32.65 20.50
CA LEU C 183 -4.19 33.46 20.19
C LEU C 183 -4.69 34.78 19.63
N PRO C 184 -4.64 35.87 20.42
CA PRO C 184 -5.42 37.07 20.06
C PRO C 184 -4.92 37.80 18.81
N GLY C 185 -3.73 37.46 18.30
CA GLY C 185 -3.21 38.15 17.14
C GLY C 185 -3.98 37.87 15.86
N GLY C 186 -4.62 36.70 15.77
CA GLY C 186 -5.31 36.32 14.56
C GLY C 186 -4.33 35.86 13.50
N TYR C 187 -4.85 35.53 12.31
CA TYR C 187 -4.01 35.16 11.17
C TYR C 187 -3.59 36.40 10.41
N GLY C 188 -2.36 36.40 9.90
CA GLY C 188 -1.88 37.49 9.09
C GLY C 188 -1.16 37.00 7.84
N PHE C 189 -1.21 37.88 6.82
CA PHE C 189 -0.30 37.78 5.68
C PHE C 189 1.07 38.27 6.14
N ALA C 190 2.13 37.52 5.80
CA ALA C 190 3.47 37.75 6.34
C ALA C 190 4.51 38.03 5.27
N VAL C 191 5.40 39.00 5.56
CA VAL C 191 6.61 39.26 4.80
C VAL C 191 7.75 39.32 5.80
N MET C 192 8.98 39.29 5.28
CA MET C 192 10.13 39.50 6.16
C MET C 192 10.11 40.91 6.73
N LYS C 193 10.46 41.03 8.01
CA LYS C 193 10.40 42.34 8.68
C LYS C 193 11.25 43.35 7.93
N GLY C 194 10.68 44.54 7.71
CA GLY C 194 11.37 45.62 7.04
C GLY C 194 11.40 45.52 5.52
N LYS C 195 10.77 44.50 4.96
CA LYS C 195 10.80 44.24 3.53
C LYS C 195 9.38 44.24 2.99
N ASN C 196 9.24 44.55 1.70
CA ASN C 196 8.00 44.31 0.96
C ASN C 196 6.80 45.00 1.63
N SER C 197 7.03 46.17 2.19
CA SER C 197 5.95 46.86 2.88
C SER C 197 4.80 47.15 1.94
N THR C 198 5.06 47.33 0.64
CA THR C 198 3.94 47.62 -0.27
C THR C 198 3.03 46.41 -0.46
N LEU C 199 3.55 45.19 -0.28
CA LEU C 199 2.67 44.03 -0.33
C LEU C 199 1.75 44.00 0.88
N VAL C 200 2.28 44.31 2.05
CA VAL C 200 1.45 44.39 3.25
C VAL C 200 0.39 45.46 3.07
N ASP C 201 0.80 46.61 2.52
CA ASP C 201 -0.15 47.69 2.30
C ASP C 201 -1.25 47.24 1.35
N GLY C 202 -0.86 46.57 0.26
CA GLY C 202 -1.85 46.11 -0.69
C GLY C 202 -2.79 45.08 -0.09
N PHE C 203 -2.26 44.18 0.74
CA PHE C 203 -3.12 43.22 1.42
C PHE C 203 -4.12 43.93 2.33
N ASN C 204 -3.64 44.91 3.10
CA ASN C 204 -4.53 45.60 4.03
C ASN C 204 -5.63 46.34 3.27
N LYS C 205 -5.27 47.04 2.19
CA LYS C 205 -6.30 47.78 1.44
C LYS C 205 -7.29 46.84 0.77
N ALA C 206 -6.78 45.74 0.21
CA ALA C 206 -7.69 44.78 -0.43
C ALA C 206 -8.58 44.11 0.61
N LEU C 207 -8.02 43.74 1.77
CA LEU C 207 -8.83 43.16 2.84
C LEU C 207 -9.96 44.09 3.26
N ALA C 208 -9.67 45.38 3.42
CA ALA C 208 -10.72 46.31 3.80
C ALA C 208 -11.81 46.36 2.74
N GLU C 209 -11.40 46.36 1.46
CA GLU C 209 -12.37 46.39 0.36
C GLU C 209 -13.24 45.14 0.38
N MET C 210 -12.60 43.98 0.59
CA MET C 210 -13.34 42.73 0.59
C MET C 210 -14.25 42.60 1.80
N LYS C 211 -13.87 43.17 2.94
CA LYS C 211 -14.78 43.19 4.08
C LYS C 211 -15.97 44.10 3.78
N SER C 212 -15.69 45.29 3.23
N SER C 212 -15.72 45.26 3.18
CA SER C 212 -16.74 46.24 2.90
CA SER C 212 -16.78 46.23 2.94
C SER C 212 -17.73 45.65 1.92
C SER C 212 -17.70 45.84 1.78
N ASN C 213 -17.24 45.04 0.83
CA ASN C 213 -18.09 44.71 -0.32
C ASN C 213 -18.78 43.37 -0.16
N GLY C 214 -18.56 42.65 0.94
CA GLY C 214 -19.22 41.39 1.20
C GLY C 214 -18.47 40.17 0.70
N ASP C 215 -17.41 40.36 -0.09
CA ASP C 215 -16.71 39.22 -0.68
C ASP C 215 -16.01 38.37 0.38
N TYR C 216 -15.47 39.03 1.40
CA TYR C 216 -14.78 38.30 2.48
C TYR C 216 -15.73 37.32 3.16
N ASP C 217 -16.91 37.80 3.55
CA ASP C 217 -17.87 36.94 4.22
C ASP C 217 -18.29 35.78 3.32
N LYS C 218 -18.43 36.04 2.02
CA LYS C 218 -18.85 34.98 1.11
C LYS C 218 -17.77 33.92 0.98
N ILE C 219 -16.51 34.33 0.98
CA ILE C 219 -15.42 33.35 0.93
C ILE C 219 -15.48 32.43 2.14
N LEU C 220 -15.65 33.00 3.33
CA LEU C 220 -15.72 32.20 4.55
C LEU C 220 -16.90 31.24 4.48
N LYS C 221 -18.04 31.74 4.03
CA LYS C 221 -19.23 30.89 3.99
C LYS C 221 -19.04 29.74 3.01
N LYS C 222 -18.32 29.98 1.91
CA LYS C 222 -18.09 28.95 0.90
C LYS C 222 -17.42 27.73 1.50
N TYR C 223 -16.58 27.93 2.51
CA TYR C 223 -15.83 26.84 3.14
C TYR C 223 -16.37 26.49 4.52
N GLY C 224 -17.62 26.85 4.81
CA GLY C 224 -18.28 26.33 5.98
C GLY C 224 -18.14 27.14 7.24
N ILE C 225 -17.64 28.36 7.17
CA ILE C 225 -17.38 29.18 8.34
C ILE C 225 -18.37 30.33 8.34
N THR C 226 -18.96 30.59 9.50
CA THR C 226 -19.81 31.75 9.72
C THR C 226 -19.04 32.80 10.53
#